data_4U6H
#
_entry.id   4U6H
#
_cell.length_a   102.829
_cell.length_b   102.829
_cell.length_c   238.355
_cell.angle_alpha   90.00
_cell.angle_beta   90.00
_cell.angle_gamma   120.00
#
_symmetry.space_group_name_H-M   'P 32 2 1'
#
loop_
_entity.id
_entity.type
_entity.pdbx_description
1 polymer 'Heavy chain of murine anti-vaccinia L1 IgG2a antibody M12B9'
2 polymer 'Light chain of murine anti-vaccinia L1 IgG2a antibody M12B9'
3 polymer 'Protein L1'
#
loop_
_entity_poly.entity_id
_entity_poly.type
_entity_poly.pdbx_seq_one_letter_code
_entity_poly.pdbx_strand_id
1 'polypeptide(L)'
;QVQLQQSGAELVKTGASLRMSCKSSGYTFTRFWMHWIKQSPGQGLEWIGYINPSTGYTEYNQKFKDKATLTADRSSTTAY
MQLISLTSGDSAVYYCARSDQTNYLFPYWGQGTLVTVSAAKTTAPSVYPLAPVCGDTTGSSVTLGCLVKGYFPEPVTLTW
NSGSLSSGVHTFPAVLQSDLYTLSSSVTVTSSTWPSQSITCNVAHPASSTKVDKKIEPR
;
A,C
2 'polypeptide(L)'
;DVVMTQIPLSLPVSLGDQASISCRSSQSLVHSNGNTYLHWSLQKPGQSPNLLIYKVSNRFSGVPDRFSGSGSGTDFTLKI
SRVEAEDLGVYFCSQSTHDPWTFGGGTKLEIKRADAAPTVSIFPPSSEQLTSGGASVVCFLNNFYPKDINVKWKIDGSER
QNGVLNSWTDQDSKDSTYSMSSTLTLTKDEYERHNSYTCEATHKTSTSPIVKSFNRNEC
;
B,D
3 'polypeptide(L)'
;MGAAASIQTTVNTLSERISSKLEQEANASAQTKCDIEIGNFYIRQNHGCNLTVKNMCSADADAQLDAVLSAATETYSGLT
PEQKAYVPAMFTAALNIQTSVNTVVRDFENYVKQTCNSSAVVDNKLKIQNVIIDECYGAPGSPTNLEFINTGSSKGNCAI
KALMQLTTKATTQIAPKQVAGTGV
;
E,J
#
# COMPACT_ATOMS: atom_id res chain seq x y z
N GLN A 1 7.45 -27.78 25.20
CA GLN A 1 7.57 -26.38 24.69
C GLN A 1 6.46 -26.06 23.70
N VAL A 2 5.86 -24.88 23.85
CA VAL A 2 4.75 -24.46 23.01
C VAL A 2 5.22 -24.38 21.56
N GLN A 3 4.33 -24.76 20.65
CA GLN A 3 4.60 -24.69 19.21
C GLN A 3 3.28 -24.45 18.50
N LEU A 4 3.25 -23.43 17.66
CA LEU A 4 2.12 -23.19 16.76
C LEU A 4 2.63 -23.28 15.34
N GLN A 5 2.19 -24.32 14.62
CA GLN A 5 2.62 -24.55 13.25
C GLN A 5 1.47 -24.28 12.30
N GLN A 6 1.51 -23.12 11.66
CA GLN A 6 0.47 -22.73 10.70
C GLN A 6 0.72 -23.36 9.35
N SER A 7 -0.32 -23.34 8.50
CA SER A 7 -0.26 -23.92 7.18
C SER A 7 0.60 -23.07 6.25
N GLY A 8 0.93 -23.63 5.09
CA GLY A 8 1.75 -22.95 4.10
C GLY A 8 0.98 -21.85 3.37
N ALA A 9 1.73 -21.06 2.59
CA ALA A 9 1.16 -19.93 1.84
C ALA A 9 0.05 -20.39 0.91
N GLU A 10 -0.90 -19.50 0.64
CA GLU A 10 -2.05 -19.83 -0.20
C GLU A 10 -2.34 -18.76 -1.25
N LEU A 11 -2.55 -19.21 -2.48
CA LEU A 11 -3.02 -18.36 -3.56
C LEU A 11 -4.46 -18.77 -3.86
N VAL A 12 -5.37 -17.81 -3.88
CA VAL A 12 -6.77 -18.10 -4.18
C VAL A 12 -7.41 -16.97 -5.00
N LYS A 13 -8.38 -17.33 -5.83
CA LYS A 13 -9.04 -16.37 -6.72
C LYS A 13 -9.93 -15.43 -5.94
N THR A 14 -10.22 -14.27 -6.52
CA THR A 14 -11.06 -13.26 -5.90
C THR A 14 -12.51 -13.74 -5.84
N GLY A 15 -13.19 -13.44 -4.74
CA GLY A 15 -14.55 -13.94 -4.51
C GLY A 15 -14.63 -15.37 -4.00
N ALA A 16 -13.48 -16.06 -3.94
CA ALA A 16 -13.42 -17.43 -3.47
C ALA A 16 -13.29 -17.47 -1.94
N SER A 17 -13.00 -18.65 -1.41
CA SER A 17 -12.81 -18.81 0.03
C SER A 17 -11.64 -19.76 0.32
N LEU A 18 -11.08 -19.63 1.52
CA LEU A 18 -10.00 -20.51 1.97
C LEU A 18 -10.07 -20.74 3.46
N ARG A 19 -9.47 -21.84 3.90
CA ARG A 19 -9.38 -22.17 5.32
C ARG A 19 -7.94 -22.55 5.67
N MET A 20 -7.27 -21.68 6.42
CA MET A 20 -5.93 -21.96 6.92
C MET A 20 -6.02 -22.61 8.30
N SER A 21 -4.99 -23.36 8.65
CA SER A 21 -4.94 -24.10 9.91
C SER A 21 -3.76 -23.65 10.76
N CYS A 22 -3.77 -24.09 12.02
CA CYS A 22 -2.73 -23.77 12.98
C CYS A 22 -2.70 -24.88 14.02
N LYS A 23 -1.71 -25.76 13.93
CA LYS A 23 -1.62 -26.94 14.80
C LYS A 23 -0.75 -26.65 16.01
N SER A 24 -1.35 -26.75 17.18
CA SER A 24 -0.64 -26.52 18.44
C SER A 24 -0.16 -27.82 19.06
N SER A 25 0.90 -27.70 19.84
CA SER A 25 1.51 -28.85 20.52
C SER A 25 2.41 -28.37 21.66
N GLY A 26 2.64 -29.25 22.64
CA GLY A 26 3.50 -28.95 23.79
C GLY A 26 2.80 -28.22 24.92
N TYR A 27 1.47 -28.16 24.86
CA TYR A 27 0.65 -27.59 25.92
C TYR A 27 -0.78 -28.15 25.79
N THR A 28 -1.58 -28.00 26.84
CA THR A 28 -2.95 -28.50 26.82
C THR A 28 -3.84 -27.64 25.93
N PHE A 29 -4.24 -28.20 24.80
CA PHE A 29 -5.01 -27.49 23.78
C PHE A 29 -6.24 -26.76 24.35
N THR A 30 -6.95 -27.42 25.25
CA THR A 30 -8.21 -26.90 25.79
C THR A 30 -8.04 -25.92 26.96
N ARG A 31 -6.79 -25.64 27.33
CA ARG A 31 -6.49 -24.85 28.53
C ARG A 31 -6.31 -23.35 28.23
N PHE A 32 -5.93 -23.02 26.99
CA PHE A 32 -5.69 -21.64 26.59
C PHE A 32 -6.44 -21.26 25.31
N TRP A 33 -6.86 -20.01 25.21
CA TRP A 33 -7.56 -19.50 24.04
C TRP A 33 -6.62 -19.36 22.85
N MET A 34 -7.19 -19.33 21.65
CA MET A 34 -6.42 -19.09 20.43
C MET A 34 -6.98 -17.85 19.72
N HIS A 35 -6.10 -16.92 19.41
CA HIS A 35 -6.47 -15.67 18.74
C HIS A 35 -5.89 -15.60 17.33
N TRP A 36 -6.42 -14.70 16.52
CA TRP A 36 -5.97 -14.53 15.14
C TRP A 36 -5.69 -13.06 14.82
N ILE A 37 -4.57 -12.80 14.14
CA ILE A 37 -4.12 -11.45 13.86
C ILE A 37 -3.68 -11.31 12.40
N LYS A 38 -4.11 -10.22 11.76
CA LYS A 38 -3.79 -9.94 10.35
C LYS A 38 -2.70 -8.86 10.25
N GLN A 39 -1.68 -9.13 9.43
CA GLN A 39 -0.61 -8.14 9.20
C GLN A 39 -0.51 -7.79 7.72
N SER A 40 -1.27 -6.78 7.31
CA SER A 40 -1.21 -6.26 5.94
C SER A 40 -0.07 -5.25 5.82
N PRO A 41 0.25 -4.85 4.58
CA PRO A 41 1.17 -3.71 4.39
C PRO A 41 0.44 -2.35 4.48
N GLY A 42 -0.78 -2.28 3.95
CA GLY A 42 -1.58 -1.06 3.98
C GLY A 42 -2.04 -0.71 5.37
N GLN A 43 -2.89 -1.57 5.95
CA GLN A 43 -3.25 -1.48 7.37
C GLN A 43 -2.20 -2.25 8.17
N GLY A 44 -2.05 -1.91 9.44
CA GLY A 44 -0.99 -2.48 10.26
C GLY A 44 -1.28 -3.90 10.74
N LEU A 45 -1.12 -4.11 12.05
CA LEU A 45 -1.56 -5.34 12.70
C LEU A 45 -3.01 -5.15 13.15
N GLU A 46 -3.88 -6.00 12.66
CA GLU A 46 -5.29 -5.96 13.03
C GLU A 46 -5.68 -7.24 13.77
N TRP A 47 -6.35 -7.08 14.89
CA TRP A 47 -6.86 -8.20 15.65
C TRP A 47 -8.18 -8.68 15.03
N ILE A 48 -8.30 -9.99 14.81
CA ILE A 48 -9.45 -10.58 14.13
C ILE A 48 -10.52 -11.09 15.09
N GLY A 49 -10.10 -11.95 16.02
CA GLY A 49 -11.01 -12.57 16.96
C GLY A 49 -10.34 -13.71 17.70
N TYR A 50 -11.05 -14.29 18.66
CA TYR A 50 -10.51 -15.40 19.44
C TYR A 50 -11.51 -16.54 19.58
N ILE A 51 -10.99 -17.73 19.86
CA ILE A 51 -11.81 -18.91 20.05
C ILE A 51 -11.35 -19.67 21.30
N ASN A 52 -12.31 -20.17 22.06
CA ASN A 52 -12.04 -21.07 23.18
C ASN A 52 -12.11 -22.49 22.65
N PRO A 53 -10.96 -23.16 22.50
CA PRO A 53 -10.96 -24.51 21.91
C PRO A 53 -11.82 -25.51 22.66
N SER A 54 -12.01 -25.32 23.96
CA SER A 54 -12.76 -26.28 24.76
C SER A 54 -14.24 -26.20 24.50
N THR A 55 -14.80 -24.99 24.58
CA THR A 55 -16.24 -24.78 24.44
C THR A 55 -16.66 -24.37 23.02
N GLY A 56 -15.68 -23.99 22.19
CA GLY A 56 -15.96 -23.47 20.86
C GLY A 56 -16.48 -22.04 20.84
N TYR A 57 -16.52 -21.39 22.02
CA TYR A 57 -17.00 -20.02 22.13
C TYR A 57 -16.04 -19.07 21.41
N THR A 58 -16.58 -18.14 20.64
CA THR A 58 -15.77 -17.20 19.87
C THR A 58 -16.29 -15.77 19.98
N GLU A 59 -15.38 -14.82 19.87
CA GLU A 59 -15.72 -13.41 19.71
C GLU A 59 -14.90 -12.82 18.57
N TYR A 60 -15.51 -11.94 17.79
CA TYR A 60 -14.88 -11.37 16.62
C TYR A 60 -14.74 -9.87 16.71
N ASN A 61 -13.79 -9.34 15.95
CA ASN A 61 -13.73 -7.91 15.71
C ASN A 61 -14.92 -7.53 14.82
N GLN A 62 -15.56 -6.41 15.13
CA GLN A 62 -16.62 -5.84 14.29
C GLN A 62 -16.20 -5.81 12.82
N LYS A 63 -14.96 -5.39 12.56
CA LYS A 63 -14.44 -5.23 11.20
C LYS A 63 -14.30 -6.56 10.45
N PHE A 64 -14.15 -7.66 11.18
CA PHE A 64 -13.94 -8.98 10.57
C PHE A 64 -15.11 -9.96 10.78
N LYS A 65 -16.24 -9.48 11.30
CA LYS A 65 -17.34 -10.40 11.64
C LYS A 65 -17.87 -11.16 10.42
N ASP A 66 -17.84 -10.51 9.25
CA ASP A 66 -18.30 -11.12 8.00
C ASP A 66 -17.18 -11.83 7.24
N LYS A 67 -15.94 -11.39 7.47
CA LYS A 67 -14.78 -11.93 6.75
C LYS A 67 -14.32 -13.27 7.32
N ALA A 68 -14.07 -13.31 8.62
CA ALA A 68 -13.45 -14.47 9.26
C ALA A 68 -14.43 -15.29 10.09
N THR A 69 -14.26 -16.61 10.06
CA THR A 69 -14.99 -17.54 10.93
C THR A 69 -13.99 -18.52 11.55
N LEU A 70 -14.01 -18.60 12.88
CA LEU A 70 -13.04 -19.40 13.63
C LEU A 70 -13.66 -20.69 14.15
N THR A 71 -12.98 -21.80 13.89
CA THR A 71 -13.36 -23.12 14.42
C THR A 71 -12.15 -23.79 15.07
N ALA A 72 -12.38 -24.92 15.71
CA ALA A 72 -11.30 -25.66 16.37
C ALA A 72 -11.65 -27.14 16.49
N ASP A 73 -10.65 -27.99 16.23
CA ASP A 73 -10.79 -29.43 16.37
C ASP A 73 -9.90 -29.92 17.51
N ARG A 74 -10.53 -30.38 18.59
CA ARG A 74 -9.80 -30.91 19.75
C ARG A 74 -9.06 -32.20 19.42
N SER A 75 -9.65 -33.00 18.53
CA SER A 75 -9.10 -34.28 18.12
C SER A 75 -7.65 -34.16 17.67
N SER A 76 -7.39 -33.17 16.81
CA SER A 76 -6.07 -32.97 16.21
C SER A 76 -5.34 -31.73 16.76
N THR A 77 -5.83 -31.19 17.88
CA THR A 77 -5.30 -29.97 18.48
C THR A 77 -4.90 -28.91 17.45
N THR A 78 -5.80 -28.66 16.50
CA THR A 78 -5.61 -27.62 15.49
C THR A 78 -6.78 -26.64 15.55
N ALA A 79 -6.50 -25.38 15.27
CA ALA A 79 -7.53 -24.34 15.12
C ALA A 79 -7.50 -23.81 13.70
N TYR A 80 -8.68 -23.50 13.15
CA TYR A 80 -8.78 -22.99 11.78
C TYR A 80 -9.36 -21.58 11.74
N MET A 81 -9.06 -20.87 10.66
CA MET A 81 -9.75 -19.62 10.32
C MET A 81 -10.13 -19.65 8.85
N GLN A 82 -11.43 -19.46 8.60
CA GLN A 82 -11.96 -19.44 7.25
C GLN A 82 -12.15 -17.98 6.80
N LEU A 83 -11.62 -17.65 5.64
CA LEU A 83 -11.84 -16.32 5.04
C LEU A 83 -12.79 -16.46 3.85
N ILE A 84 -13.72 -15.50 3.74
CA ILE A 84 -14.80 -15.57 2.76
C ILE A 84 -14.76 -14.34 1.85
N SER A 85 -15.27 -14.49 0.62
CA SER A 85 -15.38 -13.38 -0.34
C SER A 85 -14.04 -12.66 -0.51
N LEU A 86 -13.00 -13.43 -0.80
CA LEU A 86 -11.65 -12.88 -0.85
C LEU A 86 -11.54 -11.75 -1.88
N THR A 87 -10.90 -10.66 -1.46
CA THR A 87 -10.60 -9.53 -2.34
C THR A 87 -9.11 -9.23 -2.26
N SER A 88 -8.65 -8.27 -3.05
CA SER A 88 -7.23 -7.88 -3.05
C SER A 88 -6.76 -7.36 -1.68
N GLY A 89 -7.66 -6.74 -0.94
CA GLY A 89 -7.36 -6.21 0.38
C GLY A 89 -7.22 -7.26 1.48
N ASP A 90 -7.56 -8.51 1.18
CA ASP A 90 -7.36 -9.62 2.12
C ASP A 90 -5.95 -10.19 2.02
N SER A 91 -5.20 -9.83 0.99
CA SER A 91 -3.84 -10.33 0.81
C SER A 91 -2.94 -9.78 1.92
N ALA A 92 -2.53 -10.67 2.83
CA ALA A 92 -1.69 -10.29 3.97
C ALA A 92 -1.15 -11.53 4.68
N VAL A 93 -0.35 -11.31 5.71
CA VAL A 93 0.14 -12.39 6.56
C VAL A 93 -0.83 -12.55 7.74
N TYR A 94 -1.28 -13.77 7.98
CA TYR A 94 -2.22 -14.06 9.07
C TYR A 94 -1.56 -14.91 10.15
N TYR A 95 -1.75 -14.52 11.41
CA TYR A 95 -1.12 -15.17 12.55
C TYR A 95 -2.13 -15.82 13.50
N CYS A 96 -1.85 -17.05 13.92
CA CYS A 96 -2.57 -17.65 15.06
C CYS A 96 -1.70 -17.41 16.29
N ALA A 97 -2.33 -16.97 17.37
CA ALA A 97 -1.63 -16.68 18.61
C ALA A 97 -2.34 -17.33 19.79
N ARG A 98 -1.58 -17.99 20.65
CA ARG A 98 -2.13 -18.60 21.85
C ARG A 98 -2.18 -17.57 22.95
N SER A 99 -3.23 -17.62 23.76
CA SER A 99 -3.39 -16.67 24.85
C SER A 99 -2.54 -17.04 26.06
N ASP A 100 -2.39 -16.08 26.96
CA ASP A 100 -1.92 -16.34 28.30
C ASP A 100 -3.11 -16.83 29.13
N GLN A 101 -2.85 -17.16 30.39
CA GLN A 101 -3.88 -17.62 31.33
C GLN A 101 -5.10 -16.68 31.41
N THR A 102 -4.83 -15.39 31.43
CA THR A 102 -5.88 -14.38 31.66
C THR A 102 -6.68 -14.04 30.40
N ASN A 103 -6.14 -14.37 29.23
CA ASN A 103 -6.76 -14.06 27.94
C ASN A 103 -6.73 -12.57 27.61
N TYR A 104 -5.67 -11.90 28.10
CA TYR A 104 -5.40 -10.50 27.79
C TYR A 104 -4.08 -10.33 27.02
N LEU A 105 -3.31 -11.40 26.85
CA LEU A 105 -1.99 -11.34 26.19
C LEU A 105 -1.81 -12.39 25.09
N PHE A 106 -0.81 -12.16 24.22
CA PHE A 106 -0.39 -13.14 23.20
C PHE A 106 1.06 -13.51 23.39
N PRO A 107 1.36 -14.41 24.33
CA PRO A 107 2.75 -14.81 24.46
C PRO A 107 3.32 -15.55 23.24
N TYR A 108 2.51 -16.42 22.61
CA TYR A 108 3.01 -17.34 21.58
C TYR A 108 2.35 -17.15 20.21
N TRP A 109 3.16 -16.87 19.19
CA TRP A 109 2.71 -16.59 17.83
C TRP A 109 3.22 -17.65 16.85
N GLY A 110 2.36 -18.02 15.90
CA GLY A 110 2.75 -18.92 14.80
C GLY A 110 3.63 -18.22 13.79
N GLN A 111 4.22 -18.99 12.88
CA GLN A 111 5.16 -18.45 11.89
C GLN A 111 4.49 -17.52 10.87
N GLY A 112 3.18 -17.70 10.69
CA GLY A 112 2.40 -16.86 9.78
C GLY A 112 2.02 -17.62 8.52
N THR A 113 0.80 -17.39 8.04
CA THR A 113 0.35 -17.93 6.78
C THR A 113 0.17 -16.79 5.79
N LEU A 114 0.91 -16.85 4.68
CA LEU A 114 0.83 -15.84 3.64
C LEU A 114 -0.37 -16.12 2.72
N VAL A 115 -1.23 -15.12 2.57
CA VAL A 115 -2.39 -15.20 1.70
C VAL A 115 -2.17 -14.26 0.52
N THR A 116 -2.50 -14.74 -0.69
CA THR A 116 -2.38 -13.94 -1.90
C THR A 116 -3.67 -14.07 -2.70
N VAL A 117 -4.39 -12.96 -2.86
CA VAL A 117 -5.67 -12.96 -3.56
C VAL A 117 -5.52 -12.35 -4.95
N SER A 118 -5.34 -13.21 -5.95
CA SER A 118 -5.17 -12.78 -7.33
C SER A 118 -5.68 -13.84 -8.29
N ALA A 119 -6.37 -13.40 -9.33
CA ALA A 119 -6.78 -14.28 -10.42
C ALA A 119 -5.64 -14.56 -11.40
N ALA A 120 -4.45 -14.00 -11.12
CA ALA A 120 -3.25 -14.30 -11.88
C ALA A 120 -2.89 -15.78 -11.74
N LYS A 121 -2.31 -16.34 -12.79
CA LYS A 121 -2.05 -17.78 -12.85
C LYS A 121 -0.62 -18.11 -12.40
N THR A 122 -0.50 -19.23 -11.70
CA THR A 122 0.76 -19.70 -11.16
C THR A 122 1.78 -19.92 -12.27
N THR A 123 2.99 -19.38 -12.09
CA THR A 123 4.05 -19.49 -13.08
C THR A 123 5.35 -19.92 -12.38
N ALA A 124 6.09 -20.83 -13.01
CA ALA A 124 7.35 -21.29 -12.45
C ALA A 124 8.44 -20.24 -12.66
N PRO A 125 9.45 -20.22 -11.79
CA PRO A 125 10.60 -19.32 -11.97
C PRO A 125 11.55 -19.79 -13.06
N SER A 126 12.49 -18.92 -13.40
CA SER A 126 13.62 -19.28 -14.25
C SER A 126 14.88 -18.91 -13.48
N VAL A 127 15.73 -19.90 -13.21
CA VAL A 127 16.91 -19.70 -12.38
C VAL A 127 18.15 -19.50 -13.26
N TYR A 128 18.70 -18.28 -13.22
CA TYR A 128 19.89 -17.93 -14.01
C TYR A 128 21.08 -17.69 -13.08
N PRO A 129 22.20 -18.41 -13.28
CA PRO A 129 23.37 -18.22 -12.43
C PRO A 129 24.18 -17.01 -12.85
N LEU A 130 24.65 -16.23 -11.87
CA LEU A 130 25.40 -15.01 -12.15
C LEU A 130 26.85 -15.12 -11.67
N ALA A 131 27.75 -15.44 -12.59
CA ALA A 131 29.19 -15.48 -12.31
C ALA A 131 29.82 -14.16 -12.76
N PRO A 132 31.04 -13.87 -12.27
CA PRO A 132 31.66 -12.56 -12.54
C PRO A 132 32.01 -12.34 -14.02
N VAL A 133 32.57 -11.17 -14.31
CA VAL A 133 33.02 -10.82 -15.66
C VAL A 133 34.18 -11.72 -16.10
N CYS A 134 34.37 -11.84 -17.42
CA CYS A 134 35.41 -12.71 -17.99
C CYS A 134 36.78 -12.51 -17.34
N GLY A 135 37.19 -11.25 -17.18
CA GLY A 135 38.43 -10.91 -16.49
C GLY A 135 38.30 -11.02 -14.99
N THR A 138 41.98 -10.17 -10.93
CA THR A 138 40.94 -10.31 -9.92
C THR A 138 41.45 -9.94 -8.51
N GLY A 139 40.52 -9.86 -7.55
CA GLY A 139 40.84 -9.49 -6.17
C GLY A 139 41.10 -10.68 -5.26
N SER A 140 40.69 -10.57 -4.00
CA SER A 140 40.91 -11.62 -3.00
C SER A 140 39.63 -12.15 -2.35
N SER A 141 38.47 -11.78 -2.89
CA SER A 141 37.18 -12.29 -2.41
C SER A 141 36.08 -12.11 -3.46
N VAL A 142 35.90 -13.15 -4.28
CA VAL A 142 34.93 -13.11 -5.37
C VAL A 142 33.49 -13.17 -4.86
N THR A 143 32.58 -12.55 -5.62
CA THR A 143 31.15 -12.58 -5.32
C THR A 143 30.38 -13.25 -6.46
N LEU A 144 29.45 -14.13 -6.09
CA LEU A 144 28.61 -14.84 -7.06
C LEU A 144 27.15 -14.54 -6.80
N GLY A 145 26.33 -14.66 -7.84
CA GLY A 145 24.91 -14.32 -7.75
C GLY A 145 23.99 -15.37 -8.33
N CYS A 146 22.69 -15.09 -8.28
CA CYS A 146 21.66 -16.04 -8.73
C CYS A 146 20.33 -15.32 -8.89
N LEU A 147 19.87 -15.19 -10.13
CA LEU A 147 18.61 -14.49 -10.44
C LEU A 147 17.46 -15.47 -10.57
N VAL A 148 16.31 -15.11 -9.99
CA VAL A 148 15.10 -15.94 -10.02
C VAL A 148 13.99 -15.14 -10.70
N LYS A 149 13.81 -15.36 -12.00
CA LYS A 149 12.99 -14.49 -12.83
C LYS A 149 11.58 -15.05 -13.08
N GLY A 150 10.60 -14.15 -13.09
CA GLY A 150 9.25 -14.44 -13.59
C GLY A 150 8.53 -15.62 -12.96
N TYR A 151 8.29 -15.57 -11.65
CA TYR A 151 7.49 -16.57 -10.96
C TYR A 151 6.28 -15.96 -10.26
N PHE A 152 5.37 -16.83 -9.83
CA PHE A 152 4.14 -16.42 -9.13
C PHE A 152 3.42 -17.67 -8.65
N PRO A 153 2.84 -17.63 -7.44
CA PRO A 153 2.85 -16.58 -6.42
C PRO A 153 4.06 -16.73 -5.50
N GLU A 154 4.08 -15.97 -4.40
CA GLU A 154 5.08 -16.16 -3.35
C GLU A 154 4.78 -17.46 -2.60
N PRO A 155 5.77 -18.01 -1.88
CA PRO A 155 7.17 -17.60 -1.82
C PRO A 155 8.08 -18.51 -2.65
N VAL A 156 9.37 -18.19 -2.65
CA VAL A 156 10.41 -19.13 -3.09
C VAL A 156 11.41 -19.27 -1.96
N THR A 157 12.10 -20.40 -1.93
CA THR A 157 13.17 -20.63 -0.96
C THR A 157 14.48 -20.82 -1.74
N LEU A 158 15.51 -20.10 -1.31
CA LEU A 158 16.83 -20.15 -1.95
C LEU A 158 17.89 -20.47 -0.92
N THR A 159 18.73 -21.46 -1.21
CA THR A 159 19.87 -21.79 -0.36
C THR A 159 21.12 -21.92 -1.21
N TRP A 160 22.26 -22.05 -0.55
CA TRP A 160 23.53 -22.30 -1.21
C TRP A 160 24.16 -23.57 -0.66
N ASN A 161 24.36 -24.56 -1.55
CA ASN A 161 24.86 -25.87 -1.17
C ASN A 161 24.02 -26.48 -0.04
N SER A 162 22.71 -26.59 -0.29
CA SER A 162 21.74 -27.14 0.66
C SER A 162 21.69 -26.43 2.01
N GLY A 163 22.06 -25.15 2.03
CA GLY A 163 22.00 -24.34 3.25
C GLY A 163 23.23 -24.44 4.12
N SER A 164 24.27 -25.11 3.64
CA SER A 164 25.53 -25.23 4.37
C SER A 164 26.27 -23.90 4.33
N LEU A 165 26.41 -23.34 3.12
CA LEU A 165 26.99 -22.01 2.95
C LEU A 165 25.94 -20.95 3.27
N SER A 166 26.03 -20.37 4.47
CA SER A 166 25.04 -19.40 4.94
C SER A 166 25.61 -18.02 5.31
N SER A 167 26.90 -17.94 5.64
CA SER A 167 27.53 -16.65 5.94
C SER A 167 27.99 -15.97 4.64
N GLY A 168 28.06 -14.65 4.65
CA GLY A 168 28.41 -13.86 3.47
C GLY A 168 27.33 -13.87 2.40
N VAL A 169 26.08 -14.05 2.83
CA VAL A 169 24.94 -14.21 1.93
C VAL A 169 23.96 -13.04 2.07
N HIS A 170 23.35 -12.65 0.95
CA HIS A 170 22.30 -11.62 0.92
C HIS A 170 21.18 -12.00 -0.04
N THR A 171 20.14 -12.67 0.47
CA THR A 171 18.95 -13.00 -0.34
C THR A 171 17.96 -11.84 -0.28
N PHE A 172 17.71 -11.21 -1.43
CA PHE A 172 16.91 -10.00 -1.48
C PHE A 172 15.42 -10.28 -1.59
N PRO A 173 14.58 -9.43 -0.97
CA PRO A 173 13.12 -9.54 -1.10
C PRO A 173 12.66 -9.49 -2.56
N ALA A 174 11.61 -10.24 -2.87
CA ALA A 174 11.08 -10.30 -4.24
C ALA A 174 10.42 -8.98 -4.66
N VAL A 175 10.19 -8.85 -5.97
CA VAL A 175 9.56 -7.65 -6.53
C VAL A 175 8.51 -8.04 -7.56
N LEU A 176 7.31 -7.49 -7.41
CA LEU A 176 6.18 -7.79 -8.30
C LEU A 176 6.18 -6.86 -9.52
N GLN A 177 5.98 -7.45 -10.70
CA GLN A 177 5.86 -6.66 -11.92
C GLN A 177 5.02 -7.41 -12.96
N SER A 178 3.83 -6.88 -13.23
CA SER A 178 2.87 -7.48 -14.16
C SER A 178 2.54 -8.94 -13.79
N ASP A 179 2.14 -9.14 -12.53
CA ASP A 179 1.79 -10.45 -11.99
C ASP A 179 2.94 -11.47 -12.05
N LEU A 180 4.17 -10.99 -11.92
CA LEU A 180 5.36 -11.87 -11.93
C LEU A 180 6.44 -11.35 -11.00
N TYR A 181 6.82 -12.18 -10.02
CA TYR A 181 7.83 -11.81 -9.03
C TYR A 181 9.24 -12.02 -9.58
N THR A 182 10.20 -11.31 -9.01
CA THR A 182 11.61 -11.45 -9.37
C THR A 182 12.48 -11.28 -8.12
N LEU A 183 13.35 -12.27 -7.89
CA LEU A 183 14.15 -12.35 -6.67
C LEU A 183 15.60 -12.65 -7.02
N SER A 184 16.52 -12.25 -6.13
CA SER A 184 17.94 -12.56 -6.32
C SER A 184 18.63 -12.82 -4.99
N SER A 185 19.84 -13.36 -5.08
CA SER A 185 20.69 -13.58 -3.91
C SER A 185 22.15 -13.49 -4.31
N SER A 186 22.96 -12.89 -3.43
CA SER A 186 24.40 -12.83 -3.64
C SER A 186 25.10 -13.57 -2.50
N VAL A 187 26.27 -14.13 -2.80
CA VAL A 187 27.09 -14.79 -1.79
C VAL A 187 28.57 -14.46 -2.05
N THR A 188 29.30 -14.16 -0.99
CA THR A 188 30.69 -13.72 -1.10
C THR A 188 31.62 -14.64 -0.31
N VAL A 189 32.65 -15.15 -0.99
CA VAL A 189 33.66 -16.00 -0.37
C VAL A 189 35.05 -15.65 -0.90
N THR A 190 36.09 -16.10 -0.19
CA THR A 190 37.48 -15.81 -0.57
C THR A 190 37.78 -16.44 -1.92
N SER A 191 38.56 -15.73 -2.74
CA SER A 191 38.84 -16.16 -4.12
C SER A 191 39.59 -17.49 -4.20
N SER A 192 40.22 -17.89 -3.09
CA SER A 192 40.79 -19.23 -2.95
C SER A 192 39.72 -20.32 -3.08
N THR A 193 38.52 -20.00 -2.59
CA THR A 193 37.40 -20.96 -2.59
C THR A 193 36.85 -21.25 -3.99
N TRP A 194 36.51 -20.19 -4.72
CA TRP A 194 35.89 -20.31 -6.05
C TRP A 194 36.83 -19.76 -7.13
N PRO A 195 36.90 -20.40 -8.30
CA PRO A 195 36.13 -21.56 -8.78
C PRO A 195 36.62 -22.94 -8.33
N SER A 196 37.66 -23.00 -7.49
CA SER A 196 38.23 -24.28 -7.04
C SER A 196 37.18 -25.13 -6.32
N GLN A 197 36.29 -24.48 -5.57
CA GLN A 197 35.16 -25.14 -4.94
C GLN A 197 33.87 -24.63 -5.58
N SER A 198 33.08 -25.55 -6.13
CA SER A 198 31.86 -25.19 -6.84
C SER A 198 30.75 -24.77 -5.88
N ILE A 199 29.89 -23.85 -6.34
CA ILE A 199 28.84 -23.26 -5.54
C ILE A 199 27.51 -23.40 -6.26
N THR A 200 26.54 -24.03 -5.60
CA THR A 200 25.22 -24.31 -6.20
C THR A 200 24.16 -23.36 -5.65
N CYS A 201 23.24 -22.93 -6.52
CA CYS A 201 22.09 -22.12 -6.13
C CYS A 201 20.86 -23.01 -6.07
N ASN A 202 20.31 -23.22 -4.87
CA ASN A 202 19.21 -24.15 -4.67
C ASN A 202 17.87 -23.44 -4.59
N VAL A 203 17.28 -23.14 -5.74
CA VAL A 203 15.99 -22.44 -5.82
C VAL A 203 14.85 -23.46 -5.77
N ALA A 204 13.74 -23.06 -5.15
CA ALA A 204 12.54 -23.91 -5.08
C ALA A 204 11.28 -23.05 -5.05
N HIS A 205 10.24 -23.53 -5.72
CA HIS A 205 8.97 -22.82 -5.82
C HIS A 205 7.82 -23.82 -5.66
N PRO A 206 7.54 -24.22 -4.39
CA PRO A 206 6.48 -25.18 -4.05
C PRO A 206 5.13 -24.97 -4.76
N ALA A 207 4.76 -23.73 -5.03
CA ALA A 207 3.48 -23.43 -5.67
C ALA A 207 3.32 -24.11 -7.04
N SER A 208 4.24 -23.81 -7.96
CA SER A 208 4.27 -24.48 -9.27
C SER A 208 4.99 -25.82 -9.20
N SER A 209 5.48 -26.16 -8.00
CA SER A 209 6.03 -27.48 -7.70
C SER A 209 7.33 -27.76 -8.45
N THR A 210 8.13 -26.71 -8.68
CA THR A 210 9.45 -26.86 -9.30
C THR A 210 10.55 -26.79 -8.26
N LYS A 211 11.75 -27.17 -8.66
CA LYS A 211 12.90 -27.30 -7.75
C LYS A 211 14.17 -27.44 -8.57
N VAL A 212 15.02 -26.42 -8.55
CA VAL A 212 16.18 -26.33 -9.43
C VAL A 212 17.49 -26.19 -8.64
N ASP A 213 18.57 -26.75 -9.19
CA ASP A 213 19.91 -26.64 -8.63
C ASP A 213 20.85 -26.12 -9.71
N LYS A 214 21.49 -24.98 -9.46
CA LYS A 214 22.34 -24.33 -10.46
C LYS A 214 23.76 -24.06 -9.97
N LYS A 215 24.71 -24.83 -10.50
CA LYS A 215 26.14 -24.58 -10.27
C LYS A 215 26.54 -23.29 -10.98
N ILE A 216 27.56 -22.61 -10.46
CA ILE A 216 28.05 -21.37 -11.03
C ILE A 216 29.47 -21.57 -11.57
N GLU A 217 29.57 -21.78 -12.88
CA GLU A 217 30.86 -21.98 -13.55
C GLU A 217 31.47 -20.63 -13.89
N PRO A 218 32.81 -20.58 -14.09
CA PRO A 218 33.43 -19.32 -14.50
C PRO A 218 33.01 -18.88 -15.89
N ARG A 219 33.04 -17.57 -16.12
CA ARG A 219 32.62 -16.98 -17.38
C ARG A 219 33.78 -16.84 -18.36
N ASP B 1 -10.90 0.34 17.37
CA ASP B 1 -11.72 1.52 17.78
C ASP B 1 -10.95 2.46 18.71
N VAL B 2 -10.15 1.89 19.62
CA VAL B 2 -9.14 2.65 20.36
C VAL B 2 -7.90 2.78 19.48
N VAL B 3 -7.44 4.00 19.25
CA VAL B 3 -6.32 4.24 18.36
C VAL B 3 -5.02 4.33 19.14
N MET B 4 -4.05 3.49 18.79
CA MET B 4 -2.71 3.55 19.35
C MET B 4 -1.82 4.31 18.38
N THR B 5 -1.08 5.29 18.90
CA THR B 5 -0.19 6.12 18.08
C THR B 5 1.20 6.16 18.69
N GLN B 6 2.22 5.82 17.89
CA GLN B 6 3.60 5.76 18.37
C GLN B 6 4.47 6.85 17.75
N ILE B 7 5.36 7.42 18.57
CA ILE B 7 6.31 8.45 18.13
C ILE B 7 7.71 8.06 18.61
N PRO B 8 8.70 8.02 17.69
CA PRO B 8 8.67 8.29 16.26
C PRO B 8 8.34 7.06 15.41
N LEU B 9 8.30 7.25 14.09
CA LEU B 9 8.12 6.13 13.16
C LEU B 9 9.37 5.26 13.10
N SER B 10 10.53 5.86 13.37
CA SER B 10 11.79 5.12 13.47
C SER B 10 12.84 5.91 14.24
N LEU B 11 13.85 5.20 14.76
CA LEU B 11 14.83 5.79 15.66
C LEU B 11 16.23 5.20 15.45
N PRO B 12 17.17 6.02 14.94
CA PRO B 12 18.56 5.58 14.86
C PRO B 12 19.25 5.65 16.21
N VAL B 13 19.89 4.55 16.63
CA VAL B 13 20.51 4.46 17.95
C VAL B 13 21.84 3.71 17.87
N SER B 14 22.85 4.19 18.61
CA SER B 14 24.17 3.56 18.61
C SER B 14 24.24 2.44 19.64
N LEU B 15 25.31 1.66 19.59
CA LEU B 15 25.51 0.56 20.52
C LEU B 15 25.85 1.11 21.90
N GLY B 16 25.22 0.55 22.94
CA GLY B 16 25.42 1.00 24.31
C GLY B 16 24.53 2.16 24.71
N ASP B 17 23.99 2.86 23.72
CA ASP B 17 23.12 4.01 23.95
C ASP B 17 21.77 3.52 24.49
N GLN B 18 20.93 4.45 24.93
CA GLN B 18 19.56 4.12 25.32
C GLN B 18 18.61 4.54 24.22
N ALA B 19 17.52 3.78 24.06
CA ALA B 19 16.49 4.09 23.08
C ALA B 19 15.17 4.29 23.81
N SER B 20 14.43 5.31 23.39
CA SER B 20 13.15 5.65 24.00
C SER B 20 12.06 5.67 22.91
N ILE B 21 10.94 5.01 23.19
CA ILE B 21 9.83 4.93 22.23
C ILE B 21 8.51 5.21 22.94
N SER B 22 7.80 6.23 22.50
CA SER B 22 6.54 6.65 23.12
C SER B 22 5.34 6.07 22.41
N CYS B 23 4.25 5.88 23.16
CA CYS B 23 3.00 5.38 22.61
C CYS B 23 1.82 6.05 23.32
N ARG B 24 0.97 6.73 22.55
CA ARG B 24 -0.19 7.43 23.07
C ARG B 24 -1.47 6.76 22.58
N SER B 25 -2.46 6.62 23.45
CA SER B 25 -3.76 6.07 23.07
C SER B 25 -4.86 7.14 23.15
N SER B 26 -5.97 6.89 22.49
CA SER B 26 -7.09 7.84 22.44
C SER B 26 -7.92 7.85 23.73
N GLN B 27 -8.07 6.67 24.34
CA GLN B 27 -8.74 6.55 25.64
C GLN B 27 -7.75 6.13 26.70
N SER B 28 -8.14 6.30 27.97
CA SER B 28 -7.41 5.68 29.08
C SER B 28 -7.48 4.17 28.91
N LEU B 29 -6.38 3.50 29.25
CA LEU B 29 -6.31 2.05 29.15
C LEU B 29 -6.51 1.35 30.50
N VAL B 30 -7.06 2.07 31.47
CA VAL B 30 -7.43 1.46 32.75
C VAL B 30 -8.76 0.72 32.60
N HIS B 31 -8.89 -0.40 33.30
CA HIS B 31 -10.05 -1.27 33.16
C HIS B 31 -10.82 -1.36 34.47
N SER B 32 -12.08 -1.77 34.40
CA SER B 32 -12.93 -1.96 35.59
C SER B 32 -12.19 -2.58 36.77
N ASN B 33 -11.46 -3.67 36.51
CA ASN B 33 -10.72 -4.38 37.55
C ASN B 33 -9.52 -3.61 38.11
N GLY B 34 -9.09 -2.56 37.40
CA GLY B 34 -8.02 -1.69 37.88
C GLY B 34 -6.71 -1.86 37.14
N ASN B 35 -6.61 -2.90 36.31
CA ASN B 35 -5.40 -3.15 35.53
C ASN B 35 -5.34 -2.30 34.26
N THR B 36 -4.14 -1.86 33.91
CA THR B 36 -3.88 -1.18 32.65
C THR B 36 -3.24 -2.18 31.68
N TYR B 37 -4.02 -2.64 30.70
CA TYR B 37 -3.57 -3.68 29.77
C TYR B 37 -2.92 -3.07 28.53
N LEU B 38 -1.68 -2.60 28.68
CA LEU B 38 -0.88 -2.12 27.55
C LEU B 38 0.44 -2.88 27.50
N HIS B 39 0.84 -3.26 26.29
CA HIS B 39 1.95 -4.18 26.09
C HIS B 39 2.90 -3.68 25.00
N TRP B 40 4.12 -4.20 25.01
CA TRP B 40 5.11 -3.88 23.98
C TRP B 40 5.63 -5.16 23.33
N SER B 41 5.61 -5.20 22.01
CA SER B 41 6.11 -6.35 21.25
C SER B 41 7.21 -5.91 20.30
N LEU B 42 8.10 -6.84 19.97
CA LEU B 42 9.17 -6.61 19.01
C LEU B 42 9.06 -7.64 17.89
N GLN B 43 8.91 -7.15 16.66
CA GLN B 43 8.96 -8.01 15.47
C GLN B 43 10.23 -7.74 14.68
N LYS B 44 11.03 -8.79 14.51
CA LYS B 44 12.28 -8.71 13.74
C LYS B 44 11.98 -9.05 12.29
N PRO B 45 12.90 -8.70 11.37
CA PRO B 45 12.61 -8.98 9.96
C PRO B 45 12.54 -10.48 9.67
N GLY B 46 11.39 -10.93 9.16
CA GLY B 46 11.16 -12.35 8.87
C GLY B 46 10.33 -13.06 9.92
N GLN B 47 10.54 -12.69 11.18
CA GLN B 47 9.90 -13.37 12.31
C GLN B 47 8.51 -12.85 12.63
N SER B 48 7.83 -13.55 13.53
CA SER B 48 6.57 -13.11 14.10
C SER B 48 6.86 -12.31 15.39
N PRO B 49 5.92 -11.43 15.79
CA PRO B 49 6.15 -10.61 16.99
C PRO B 49 6.31 -11.42 18.28
N ASN B 50 7.22 -10.96 19.14
CA ASN B 50 7.42 -11.53 20.46
C ASN B 50 7.09 -10.52 21.53
N LEU B 51 6.36 -10.97 22.56
CA LEU B 51 5.99 -10.09 23.65
C LEU B 51 7.22 -9.79 24.51
N LEU B 52 7.45 -8.50 24.77
CA LEU B 52 8.57 -8.05 25.60
C LEU B 52 8.07 -7.61 26.96
N ILE B 53 7.14 -6.67 26.96
CA ILE B 53 6.59 -6.11 28.18
C ILE B 53 5.06 -6.13 28.12
N TYR B 54 4.44 -6.49 29.23
CA TYR B 54 2.98 -6.54 29.33
C TYR B 54 2.49 -5.76 30.54
N LYS B 55 1.25 -5.28 30.46
CA LYS B 55 0.64 -4.42 31.47
C LYS B 55 1.62 -3.33 31.92
N VAL B 56 2.07 -2.55 30.95
CA VAL B 56 2.90 -1.36 31.18
C VAL B 56 4.33 -1.62 31.63
N SER B 57 4.50 -2.36 32.73
CA SER B 57 5.79 -2.44 33.44
C SER B 57 6.45 -3.83 33.43
N ASN B 58 5.63 -4.88 33.40
CA ASN B 58 6.12 -6.23 33.62
C ASN B 58 6.86 -6.81 32.42
N ARG B 59 8.06 -7.36 32.68
CA ARG B 59 8.84 -8.03 31.65
C ARG B 59 8.37 -9.48 31.47
N PHE B 60 8.59 -10.02 30.28
CA PHE B 60 8.12 -11.36 29.93
C PHE B 60 9.24 -12.39 30.12
N SER B 61 8.86 -13.66 30.27
CA SER B 61 9.83 -14.76 30.38
C SER B 61 11.03 -14.56 29.47
N GLY B 62 12.20 -14.40 30.07
CA GLY B 62 13.45 -14.29 29.32
C GLY B 62 13.64 -12.98 28.59
N VAL B 63 13.16 -11.89 29.19
CA VAL B 63 13.44 -10.55 28.68
C VAL B 63 14.42 -9.88 29.64
N PRO B 64 15.61 -9.48 29.14
CA PRO B 64 16.59 -8.81 29.99
C PRO B 64 16.01 -7.62 30.76
N ASP B 65 16.57 -7.34 31.93
CA ASP B 65 16.10 -6.23 32.78
C ASP B 65 16.32 -4.85 32.15
N ARG B 66 17.11 -4.78 31.08
CA ARG B 66 17.38 -3.52 30.40
C ARG B 66 16.21 -3.02 29.54
N PHE B 67 15.19 -3.84 29.37
CA PHE B 67 13.90 -3.40 28.84
C PHE B 67 12.98 -3.04 30.00
N SER B 68 12.40 -1.84 29.96
CA SER B 68 11.45 -1.42 30.99
C SER B 68 10.40 -0.48 30.40
N GLY B 69 9.20 -0.56 30.93
CA GLY B 69 8.09 0.27 30.45
C GLY B 69 7.47 1.08 31.57
N SER B 70 6.94 2.25 31.20
CA SER B 70 6.40 3.19 32.17
C SER B 70 5.21 3.93 31.59
N GLY B 71 4.58 4.76 32.42
CA GLY B 71 3.43 5.57 32.00
C GLY B 71 2.15 5.07 32.61
N SER B 72 1.06 5.76 32.31
CA SER B 72 -0.27 5.36 32.75
C SER B 72 -1.33 6.06 31.90
N GLY B 73 -2.59 5.71 32.11
CA GLY B 73 -3.69 6.32 31.38
C GLY B 73 -3.58 6.17 29.88
N THR B 74 -3.01 7.19 29.23
CA THR B 74 -2.86 7.21 27.76
C THR B 74 -1.42 7.34 27.26
N ASP B 75 -0.55 7.95 28.05
CA ASP B 75 0.85 8.17 27.65
C ASP B 75 1.76 7.12 28.27
N PHE B 76 2.50 6.41 27.41
CA PHE B 76 3.42 5.37 27.85
C PHE B 76 4.74 5.50 27.09
N THR B 77 5.83 5.01 27.69
CA THR B 77 7.12 4.95 27.00
C THR B 77 7.87 3.66 27.31
N LEU B 78 8.60 3.18 26.32
CA LEU B 78 9.45 2.00 26.45
C LEU B 78 10.90 2.44 26.36
N LYS B 79 11.72 2.02 27.32
CA LYS B 79 13.14 2.35 27.34
C LYS B 79 14.00 1.11 27.13
N ILE B 80 14.90 1.17 26.16
CA ILE B 80 15.86 0.10 25.89
C ILE B 80 17.26 0.59 26.22
N SER B 81 17.74 0.25 27.42
CA SER B 81 19.10 0.61 27.82
C SER B 81 20.10 -0.30 27.12
N ARG B 82 21.30 0.22 26.89
CA ARG B 82 22.42 -0.56 26.37
C ARG B 82 22.01 -1.38 25.14
N VAL B 83 21.82 -0.68 24.03
CA VAL B 83 21.32 -1.29 22.80
C VAL B 83 22.35 -2.24 22.19
N GLU B 84 21.87 -3.42 21.82
CA GLU B 84 22.65 -4.40 21.07
C GLU B 84 22.19 -4.41 19.62
N ALA B 85 22.98 -5.00 18.74
CA ALA B 85 22.60 -5.12 17.33
C ALA B 85 21.39 -6.03 17.13
N GLU B 86 21.23 -7.00 18.03
CA GLU B 86 20.09 -7.92 17.99
C GLU B 86 18.74 -7.23 18.24
N ASP B 87 18.75 -6.06 18.86
CA ASP B 87 17.52 -5.34 19.19
C ASP B 87 16.80 -4.71 17.98
N LEU B 88 17.46 -4.68 16.83
CA LEU B 88 16.87 -4.06 15.64
C LEU B 88 15.59 -4.78 15.24
N GLY B 89 14.58 -3.99 14.86
CA GLY B 89 13.29 -4.53 14.49
C GLY B 89 12.23 -3.45 14.52
N VAL B 90 10.97 -3.86 14.66
CA VAL B 90 9.87 -2.92 14.74
C VAL B 90 9.14 -3.19 16.05
N TYR B 91 9.08 -2.17 16.91
CA TYR B 91 8.47 -2.29 18.24
C TYR B 91 7.02 -1.81 18.21
N PHE B 92 6.11 -2.68 18.61
CA PHE B 92 4.67 -2.37 18.57
C PHE B 92 4.09 -2.24 19.97
N CYS B 93 3.51 -1.08 20.28
CA CYS B 93 2.69 -0.93 21.47
C CYS B 93 1.28 -1.42 21.12
N SER B 94 0.65 -2.13 22.04
CA SER B 94 -0.71 -2.64 21.82
C SER B 94 -1.53 -2.58 23.10
N GLN B 95 -2.85 -2.71 22.97
CA GLN B 95 -3.75 -2.65 24.11
C GLN B 95 -4.77 -3.78 24.07
N SER B 96 -5.16 -4.25 25.25
CA SER B 96 -6.22 -5.27 25.37
C SER B 96 -7.20 -4.92 26.49
N THR B 97 -7.37 -3.62 26.75
CA THR B 97 -8.34 -3.13 27.72
C THR B 97 -9.73 -3.05 27.09
N HIS B 98 -9.78 -2.68 25.80
CA HIS B 98 -11.04 -2.52 25.08
C HIS B 98 -11.08 -3.42 23.84
N ASP B 99 -12.21 -4.09 23.64
CA ASP B 99 -12.46 -4.85 22.41
C ASP B 99 -12.98 -3.87 21.34
N PRO B 100 -12.40 -3.90 20.13
CA PRO B 100 -11.36 -4.79 19.62
C PRO B 100 -9.96 -4.38 20.07
N TRP B 101 -9.07 -5.36 20.20
CA TRP B 101 -7.68 -5.10 20.55
C TRP B 101 -7.01 -4.39 19.39
N THR B 102 -6.07 -3.51 19.69
CA THR B 102 -5.44 -2.68 18.66
C THR B 102 -3.94 -2.52 18.87
N PHE B 103 -3.25 -2.23 17.77
CA PHE B 103 -1.79 -2.09 17.76
C PHE B 103 -1.43 -0.70 17.27
N GLY B 104 -0.21 -0.27 17.55
CA GLY B 104 0.33 0.94 16.95
C GLY B 104 0.93 0.65 15.60
N GLY B 105 1.32 1.70 14.88
CA GLY B 105 1.97 1.53 13.59
C GLY B 105 3.34 0.91 13.71
N GLY B 106 3.97 1.08 14.87
CA GLY B 106 5.28 0.52 15.13
C GLY B 106 6.38 1.54 15.00
N THR B 107 7.51 1.26 15.64
CA THR B 107 8.69 2.11 15.56
C THR B 107 9.87 1.23 15.16
N LYS B 108 10.47 1.53 14.01
CA LYS B 108 11.62 0.76 13.51
C LYS B 108 12.91 1.22 14.20
N LEU B 109 13.67 0.28 14.76
CA LEU B 109 14.92 0.62 15.43
C LEU B 109 16.13 0.42 14.51
N GLU B 110 16.62 1.52 13.93
CA GLU B 110 17.85 1.50 13.15
C GLU B 110 19.05 1.54 14.11
N ILE B 111 20.02 0.67 13.88
CA ILE B 111 21.23 0.63 14.70
C ILE B 111 22.35 1.39 13.98
N LYS B 112 22.88 2.42 14.63
CA LYS B 112 23.96 3.21 14.06
C LYS B 112 25.29 2.48 14.10
N ARG B 113 26.12 2.75 13.11
CA ARG B 113 27.45 2.17 12.99
C ARG B 113 28.30 3.10 12.14
N ALA B 114 29.60 2.83 12.08
CA ALA B 114 30.49 3.62 11.23
C ALA B 114 30.05 3.52 9.77
N ASP B 115 30.41 4.53 8.98
CA ASP B 115 30.11 4.53 7.54
C ASP B 115 30.76 3.32 6.89
N ALA B 116 30.20 2.88 5.77
CA ALA B 116 30.73 1.74 5.04
C ALA B 116 30.41 1.88 3.56
N ALA B 117 31.45 2.00 2.72
CA ALA B 117 31.25 2.09 1.28
C ALA B 117 30.88 0.71 0.74
N PRO B 118 29.89 0.66 -0.16
CA PRO B 118 29.44 -0.64 -0.65
C PRO B 118 30.46 -1.31 -1.57
N THR B 119 30.56 -2.63 -1.48
CA THR B 119 31.27 -3.43 -2.48
C THR B 119 30.31 -3.70 -3.64
N VAL B 120 30.51 -3.00 -4.74
CA VAL B 120 29.62 -3.07 -5.89
C VAL B 120 30.13 -4.12 -6.88
N SER B 121 29.27 -5.05 -7.25
CA SER B 121 29.61 -6.11 -8.21
C SER B 121 28.57 -6.18 -9.31
N ILE B 122 29.00 -6.04 -10.56
CA ILE B 122 28.09 -6.06 -11.71
C ILE B 122 28.17 -7.41 -12.44
N PHE B 123 27.02 -7.86 -12.95
CA PHE B 123 26.88 -9.17 -13.58
C PHE B 123 26.15 -9.07 -14.90
N PRO B 124 26.86 -9.28 -16.02
CA PRO B 124 26.18 -9.38 -17.32
C PRO B 124 25.21 -10.56 -17.36
N PRO B 125 24.21 -10.51 -18.26
CA PRO B 125 23.20 -11.57 -18.30
C PRO B 125 23.81 -12.91 -18.67
N SER B 126 23.42 -13.96 -17.94
CA SER B 126 23.93 -15.31 -18.19
C SER B 126 23.53 -15.76 -19.60
N SER B 127 24.35 -16.63 -20.18
CA SER B 127 24.08 -17.15 -21.54
C SER B 127 22.82 -18.02 -21.57
N GLU B 128 22.49 -18.64 -20.43
CA GLU B 128 21.28 -19.45 -20.30
C GLU B 128 19.99 -18.61 -20.38
N GLN B 129 20.09 -17.33 -19.99
CA GLN B 129 18.99 -16.37 -20.13
C GLN B 129 18.95 -15.80 -21.55
N LEU B 130 20.13 -15.51 -22.10
CA LEU B 130 20.26 -15.05 -23.49
C LEU B 130 19.68 -16.08 -24.47
N THR B 131 19.82 -17.35 -24.10
CA THR B 131 19.19 -18.46 -24.82
C THR B 131 17.66 -18.39 -24.79
N SER B 132 17.10 -17.94 -23.67
CA SER B 132 15.65 -17.76 -23.53
C SER B 132 15.12 -16.55 -24.29
N GLY B 133 16.00 -15.63 -24.69
CA GLY B 133 15.62 -14.47 -25.50
C GLY B 133 15.56 -13.14 -24.76
N GLY B 134 15.92 -13.15 -23.47
CA GLY B 134 15.90 -11.95 -22.64
C GLY B 134 17.28 -11.62 -22.10
N ALA B 135 17.43 -10.41 -21.55
CA ALA B 135 18.71 -9.93 -21.06
C ALA B 135 18.55 -9.04 -19.83
N SER B 136 18.95 -9.56 -18.66
CA SER B 136 18.88 -8.82 -17.40
C SER B 136 20.28 -8.61 -16.82
N VAL B 137 20.65 -7.34 -16.65
CA VAL B 137 21.94 -6.98 -16.07
C VAL B 137 21.76 -6.68 -14.59
N VAL B 138 22.29 -7.57 -13.74
CA VAL B 138 22.15 -7.44 -12.29
C VAL B 138 23.39 -6.77 -11.70
N CYS B 139 23.18 -5.92 -10.71
CA CYS B 139 24.26 -5.24 -10.01
C CYS B 139 23.97 -5.28 -8.50
N PHE B 140 24.90 -5.85 -7.74
CA PHE B 140 24.78 -5.91 -6.28
C PHE B 140 25.60 -4.79 -5.64
N LEU B 141 25.02 -4.17 -4.62
CA LEU B 141 25.73 -3.18 -3.82
C LEU B 141 25.59 -3.59 -2.36
N ASN B 142 26.62 -4.24 -1.83
CA ASN B 142 26.52 -4.96 -0.56
C ASN B 142 27.29 -4.33 0.61
N ASN B 143 26.71 -4.46 1.80
CA ASN B 143 27.38 -4.14 3.06
C ASN B 143 27.75 -2.66 3.22
N PHE B 144 26.74 -1.78 3.18
CA PHE B 144 26.97 -0.33 3.28
C PHE B 144 26.15 0.34 4.38
N TYR B 145 26.58 1.55 4.75
CA TYR B 145 25.88 2.38 5.73
C TYR B 145 26.28 3.84 5.53
N PRO B 146 25.30 4.76 5.54
CA PRO B 146 23.88 4.61 5.85
C PRO B 146 22.99 4.05 4.74
N LYS B 147 21.75 3.75 5.12
CA LYS B 147 20.71 3.19 4.25
C LYS B 147 20.51 3.99 2.97
N ASP B 148 20.62 5.31 3.07
CA ASP B 148 20.36 6.22 1.97
C ASP B 148 21.34 5.97 0.82
N ILE B 149 20.80 5.59 -0.33
CA ILE B 149 21.60 5.31 -1.52
C ILE B 149 20.71 5.42 -2.76
N ASN B 150 21.31 5.76 -3.91
CA ASN B 150 20.62 5.68 -5.20
C ASN B 150 21.57 5.15 -6.26
N VAL B 151 21.04 4.39 -7.21
CA VAL B 151 21.85 3.74 -8.23
C VAL B 151 21.38 4.09 -9.64
N LYS B 152 22.25 4.77 -10.38
CA LYS B 152 21.98 5.13 -11.77
C LYS B 152 22.55 4.06 -12.70
N TRP B 153 21.71 3.59 -13.62
CA TRP B 153 22.17 2.71 -14.70
C TRP B 153 22.59 3.55 -15.90
N LYS B 154 23.48 3.00 -16.72
CA LYS B 154 23.96 3.70 -17.92
C LYS B 154 24.23 2.73 -19.08
N ILE B 155 23.88 3.15 -20.29
CA ILE B 155 24.18 2.40 -21.50
C ILE B 155 24.91 3.34 -22.45
N ASP B 156 26.17 3.02 -22.75
CA ASP B 156 27.04 3.87 -23.57
C ASP B 156 27.06 5.31 -23.06
N GLY B 157 27.21 5.46 -21.72
CA GLY B 157 27.27 6.77 -21.09
C GLY B 157 25.91 7.40 -20.80
N SER B 158 24.91 7.07 -21.62
CA SER B 158 23.57 7.64 -21.49
C SER B 158 22.82 6.98 -20.34
N GLU B 159 22.12 7.78 -19.53
CA GLU B 159 21.35 7.26 -18.41
C GLU B 159 20.13 6.47 -18.89
N ARG B 160 20.13 5.16 -18.61
CA ARG B 160 18.97 4.31 -18.85
C ARG B 160 18.08 4.36 -17.62
N GLN B 161 16.80 4.69 -17.82
CA GLN B 161 15.85 4.86 -16.73
C GLN B 161 14.75 3.79 -16.70
N ASN B 162 14.42 3.21 -17.86
CA ASN B 162 13.39 2.18 -17.95
C ASN B 162 13.95 0.79 -17.69
N GLY B 163 13.09 -0.11 -17.22
CA GLY B 163 13.48 -1.51 -16.98
C GLY B 163 14.26 -1.77 -15.70
N VAL B 164 14.65 -0.70 -15.00
CA VAL B 164 15.35 -0.82 -13.73
C VAL B 164 14.35 -1.24 -12.67
N LEU B 165 14.79 -2.07 -11.73
CA LEU B 165 13.89 -2.71 -10.78
C LEU B 165 14.72 -3.17 -9.58
N ASN B 166 14.60 -2.42 -8.48
CA ASN B 166 15.50 -2.58 -7.34
C ASN B 166 14.91 -3.32 -6.14
N SER B 167 15.77 -3.68 -5.19
CA SER B 167 15.37 -4.33 -3.96
C SER B 167 16.37 -4.01 -2.86
N TRP B 168 15.87 -3.85 -1.63
CA TRP B 168 16.71 -3.56 -0.47
C TRP B 168 16.48 -4.59 0.63
N THR B 169 17.54 -4.99 1.30
CA THR B 169 17.42 -5.85 2.47
C THR B 169 17.15 -5.01 3.71
N ASP B 170 16.61 -5.64 4.76
CA ASP B 170 16.54 -5.02 6.07
C ASP B 170 17.94 -4.97 6.66
N GLN B 171 18.12 -4.21 7.73
CA GLN B 171 19.44 -4.03 8.32
C GLN B 171 19.93 -5.36 8.90
N ASP B 172 21.20 -5.66 8.65
CA ASP B 172 21.79 -6.93 9.07
C ASP B 172 21.97 -6.98 10.59
N SER B 173 21.47 -8.04 11.22
CA SER B 173 21.53 -8.17 12.67
C SER B 173 22.94 -8.33 13.21
N LYS B 174 23.85 -8.85 12.39
CA LYS B 174 25.26 -9.00 12.78
C LYS B 174 26.02 -7.67 12.69
N ASP B 175 26.34 -7.24 11.48
CA ASP B 175 27.20 -6.05 11.29
C ASP B 175 26.44 -4.73 11.11
N SER B 176 25.11 -4.78 11.09
CA SER B 176 24.25 -3.57 10.97
C SER B 176 24.47 -2.79 9.67
N THR B 177 24.78 -3.51 8.58
CA THR B 177 24.95 -2.91 7.26
C THR B 177 23.69 -3.06 6.42
N TYR B 178 23.67 -2.36 5.29
CA TYR B 178 22.57 -2.45 4.33
C TYR B 178 23.07 -2.98 3.00
N SER B 179 22.16 -3.60 2.24
CA SER B 179 22.48 -4.18 0.94
C SER B 179 21.36 -3.90 -0.06
N MET B 180 21.72 -3.81 -1.33
CA MET B 180 20.77 -3.49 -2.40
C MET B 180 21.09 -4.28 -3.67
N SER B 181 20.04 -4.71 -4.36
CA SER B 181 20.16 -5.35 -5.67
C SER B 181 19.46 -4.48 -6.70
N SER B 182 20.08 -4.38 -7.88
CA SER B 182 19.49 -3.64 -8.99
C SER B 182 19.57 -4.48 -10.26
N THR B 183 18.43 -4.69 -10.89
CA THR B 183 18.35 -5.50 -12.10
C THR B 183 17.81 -4.64 -13.25
N LEU B 184 18.60 -4.55 -14.34
CA LEU B 184 18.19 -3.84 -15.55
C LEU B 184 17.86 -4.84 -16.66
N THR B 185 16.57 -4.96 -16.97
CA THR B 185 16.10 -5.95 -17.94
C THR B 185 15.76 -5.33 -19.30
N LEU B 186 16.21 -6.00 -20.37
CA LEU B 186 15.96 -5.59 -21.74
C LEU B 186 15.60 -6.81 -22.59
N THR B 187 15.24 -6.56 -23.85
CA THR B 187 15.16 -7.61 -24.85
C THR B 187 16.59 -7.93 -25.32
N LYS B 188 16.82 -9.17 -25.73
CA LYS B 188 18.15 -9.58 -26.19
C LYS B 188 18.67 -8.70 -27.33
N ASP B 189 17.77 -8.28 -28.21
CA ASP B 189 18.15 -7.45 -29.36
C ASP B 189 18.70 -6.10 -28.92
N GLU B 190 17.95 -5.42 -28.05
CA GLU B 190 18.35 -4.11 -27.52
C GLU B 190 19.67 -4.19 -26.75
N TYR B 191 19.91 -5.31 -26.08
CA TYR B 191 21.16 -5.52 -25.35
C TYR B 191 22.37 -5.55 -26.29
N GLU B 192 22.19 -6.10 -27.48
CA GLU B 192 23.29 -6.31 -28.43
C GLU B 192 23.56 -5.11 -29.34
N ARG B 193 22.75 -4.06 -29.22
CA ARG B 193 22.93 -2.83 -30.00
C ARG B 193 23.87 -1.82 -29.31
N HIS B 194 24.39 -2.18 -28.14
CA HIS B 194 25.25 -1.27 -27.36
C HIS B 194 26.52 -1.95 -26.82
N ASN B 195 27.49 -1.12 -26.42
CA ASN B 195 28.82 -1.57 -26.04
C ASN B 195 28.97 -1.74 -24.52
N SER B 196 28.83 -0.63 -23.79
CA SER B 196 29.10 -0.61 -22.35
C SER B 196 27.82 -0.62 -21.50
N TYR B 197 27.93 -1.22 -20.32
CA TYR B 197 26.86 -1.21 -19.31
C TYR B 197 27.45 -0.89 -17.95
N THR B 198 26.98 0.20 -17.35
CA THR B 198 27.59 0.77 -16.15
C THR B 198 26.59 0.89 -15.00
N CYS B 199 27.10 0.67 -13.78
CA CYS B 199 26.31 0.68 -12.57
C CYS B 199 26.88 1.76 -11.63
N GLU B 200 26.27 2.94 -11.64
CA GLU B 200 26.76 4.09 -10.88
C GLU B 200 25.98 4.31 -9.59
N ALA B 201 26.65 4.10 -8.46
CA ALA B 201 26.06 4.31 -7.14
C ALA B 201 26.65 5.55 -6.49
N THR B 202 25.79 6.42 -5.96
CA THR B 202 26.23 7.58 -5.19
C THR B 202 25.93 7.31 -3.72
N HIS B 203 26.85 7.71 -2.84
CA HIS B 203 26.76 7.41 -1.41
C HIS B 203 27.49 8.46 -0.57
N LYS B 204 27.16 8.53 0.71
CA LYS B 204 27.76 9.51 1.61
C LYS B 204 29.26 9.30 1.81
N THR B 205 29.72 8.05 1.66
CA THR B 205 31.13 7.71 1.85
C THR B 205 32.06 8.34 0.82
N SER B 206 31.58 8.52 -0.41
CA SER B 206 32.36 9.13 -1.47
C SER B 206 31.49 9.98 -2.38
N THR B 207 31.82 11.25 -2.50
CA THR B 207 31.11 12.17 -3.40
C THR B 207 31.33 11.78 -4.87
N SER B 208 32.51 11.24 -5.16
CA SER B 208 32.77 10.61 -6.45
C SER B 208 31.91 9.34 -6.56
N PRO B 209 31.02 9.26 -7.57
CA PRO B 209 30.18 8.07 -7.73
C PRO B 209 31.00 6.79 -7.89
N ILE B 210 30.58 5.73 -7.21
CA ILE B 210 31.23 4.42 -7.34
C ILE B 210 30.77 3.80 -8.66
N VAL B 211 31.73 3.53 -9.54
CA VAL B 211 31.43 3.05 -10.89
C VAL B 211 31.93 1.61 -11.08
N LYS B 212 31.04 0.74 -11.53
CA LYS B 212 31.41 -0.62 -11.94
C LYS B 212 30.69 -0.97 -13.23
N SER B 213 31.46 -1.30 -14.26
CA SER B 213 30.93 -1.56 -15.60
C SER B 213 31.72 -2.66 -16.32
N PHE B 214 31.24 -3.03 -17.50
CA PHE B 214 31.92 -3.96 -18.38
C PHE B 214 31.59 -3.59 -19.81
N ASN B 215 32.46 -3.97 -20.75
CA ASN B 215 32.18 -3.82 -22.17
C ASN B 215 31.72 -5.14 -22.77
N ARG B 216 30.68 -5.09 -23.58
CA ARG B 216 30.09 -6.28 -24.19
C ARG B 216 31.11 -6.98 -25.10
N ASN B 217 31.31 -8.28 -24.84
CA ASN B 217 32.35 -9.08 -25.52
C ASN B 217 33.75 -8.47 -25.38
N VAL C 2 0.85 2.42 -3.06
CA VAL C 2 2.28 2.78 -3.34
C VAL C 2 2.67 2.63 -4.83
N GLN C 3 2.02 1.72 -5.56
CA GLN C 3 2.37 1.44 -6.96
C GLN C 3 1.17 1.55 -7.91
N LEU C 4 1.40 2.17 -9.07
CA LEU C 4 0.42 2.22 -10.15
C LEU C 4 1.09 1.86 -11.47
N GLN C 5 0.94 0.59 -11.89
CA GLN C 5 1.54 0.10 -13.13
C GLN C 5 0.59 0.29 -14.31
N GLN C 6 0.99 1.09 -15.28
CA GLN C 6 0.20 1.31 -16.50
C GLN C 6 0.64 0.40 -17.63
N SER C 7 -0.24 0.21 -18.61
CA SER C 7 -0.01 -0.73 -19.71
C SER C 7 1.05 -0.23 -20.68
N GLY C 8 1.42 -1.10 -21.63
CA GLY C 8 2.44 -0.79 -22.63
C GLY C 8 1.99 0.32 -23.57
N ALA C 9 2.97 1.00 -24.16
CA ALA C 9 2.71 2.11 -25.08
C ALA C 9 1.85 1.64 -26.25
N GLU C 10 0.75 2.35 -26.49
CA GLU C 10 -0.21 1.98 -27.53
C GLU C 10 0.11 2.70 -28.84
N LEU C 11 -0.28 2.07 -29.94
CA LEU C 11 0.00 2.57 -31.27
C LEU C 11 -1.10 2.08 -32.20
N VAL C 12 -2.01 2.99 -32.56
CA VAL C 12 -3.19 2.61 -33.33
C VAL C 12 -3.50 3.68 -34.39
N LYS C 13 -4.18 3.26 -35.45
CA LYS C 13 -4.55 4.15 -36.56
C LYS C 13 -5.65 5.15 -36.17
N THR C 14 -5.87 6.12 -37.07
CA THR C 14 -6.93 7.10 -36.91
C THR C 14 -8.31 6.46 -37.10
N GLY C 15 -9.30 6.96 -36.36
CA GLY C 15 -10.67 6.44 -36.46
C GLY C 15 -10.94 5.26 -35.54
N ALA C 16 -9.94 4.43 -35.32
CA ALA C 16 -10.05 3.26 -34.43
C ALA C 16 -10.08 3.69 -32.95
N SER C 17 -10.15 2.70 -32.07
CA SER C 17 -10.26 2.94 -30.63
C SER C 17 -9.37 1.98 -29.88
N LEU C 18 -8.92 2.40 -28.70
CA LEU C 18 -8.03 1.58 -27.86
C LEU C 18 -8.52 1.56 -26.42
N ARG C 19 -7.79 0.82 -25.58
CA ARG C 19 -8.13 0.68 -24.17
C ARG C 19 -6.87 0.34 -23.38
N MET C 20 -6.41 1.29 -22.58
CA MET C 20 -5.23 1.09 -21.74
C MET C 20 -5.66 0.75 -20.31
N SER C 21 -4.70 0.51 -19.44
CA SER C 21 -4.98 0.06 -18.09
C SER C 21 -4.03 0.67 -17.06
N CYS C 22 -4.36 0.46 -15.79
CA CYS C 22 -3.56 0.95 -14.68
C CYS C 22 -3.80 0.07 -13.46
N LYS C 23 -2.86 -0.84 -13.17
CA LYS C 23 -3.02 -1.78 -12.06
C LYS C 23 -2.49 -1.20 -10.75
N SER C 24 -3.37 -1.15 -9.75
CA SER C 24 -3.06 -0.57 -8.46
C SER C 24 -2.57 -1.63 -7.48
N SER C 25 -1.63 -1.23 -6.61
CA SER C 25 -1.07 -2.11 -5.58
C SER C 25 -0.75 -1.32 -4.32
N GLY C 26 -0.82 -1.98 -3.17
CA GLY C 26 -0.37 -1.40 -1.90
C GLY C 26 -1.38 -0.58 -1.12
N TYR C 27 -2.65 -0.63 -1.53
CA TYR C 27 -3.72 0.07 -0.82
C TYR C 27 -5.09 -0.51 -1.19
N THR C 28 -6.06 -0.36 -0.28
CA THR C 28 -7.42 -0.81 -0.53
C THR C 28 -7.96 -0.12 -1.78
N PHE C 29 -8.06 -0.87 -2.87
CA PHE C 29 -8.45 -0.33 -4.18
C PHE C 29 -9.72 0.53 -4.13
N THR C 30 -10.69 0.12 -3.32
CA THR C 30 -11.98 0.79 -3.24
C THR C 30 -12.02 1.99 -2.29
N ARG C 31 -10.92 2.26 -1.59
CA ARG C 31 -10.86 3.36 -0.63
C ARG C 31 -10.56 4.73 -1.25
N PHE C 32 -9.83 4.75 -2.36
CA PHE C 32 -9.42 6.00 -3.01
C PHE C 32 -9.87 6.08 -4.47
N TRP C 33 -10.11 7.32 -4.93
CA TRP C 33 -10.51 7.57 -6.32
C TRP C 33 -9.31 7.48 -7.26
N MET C 34 -9.55 7.02 -8.48
CA MET C 34 -8.53 7.00 -9.53
C MET C 34 -8.86 8.08 -10.56
N HIS C 35 -7.87 8.91 -10.89
CA HIS C 35 -8.01 9.97 -11.89
C HIS C 35 -7.23 9.64 -13.17
N TRP C 36 -7.50 10.39 -14.23
CA TRP C 36 -6.80 10.24 -15.50
C TRP C 36 -6.45 11.61 -16.08
N ILE C 37 -5.23 11.72 -16.60
CA ILE C 37 -4.65 13.01 -16.98
C ILE C 37 -3.82 12.87 -18.26
N LYS C 38 -4.10 13.73 -19.24
CA LYS C 38 -3.40 13.72 -20.53
C LYS C 38 -2.25 14.73 -20.51
N GLN C 39 -1.10 14.35 -21.09
CA GLN C 39 0.01 15.28 -21.27
C GLN C 39 0.39 15.40 -22.75
N SER C 40 -0.08 16.48 -23.37
CA SER C 40 0.12 16.75 -24.78
C SER C 40 1.27 17.75 -24.96
N PRO C 41 2.04 17.63 -26.04
CA PRO C 41 3.03 18.67 -26.34
C PRO C 41 2.37 20.01 -26.70
N GLY C 42 1.24 19.94 -27.43
CA GLY C 42 0.50 21.14 -27.83
C GLY C 42 -0.37 21.74 -26.73
N GLN C 43 -1.11 20.88 -26.02
CA GLN C 43 -2.09 21.32 -25.03
C GLN C 43 -1.60 21.33 -23.58
N GLY C 44 -0.48 20.64 -23.31
CA GLY C 44 0.07 20.56 -21.96
C GLY C 44 -0.65 19.50 -21.12
N LEU C 45 -0.69 19.72 -19.81
CA LEU C 45 -1.34 18.79 -18.89
C LEU C 45 -2.84 19.07 -18.78
N GLU C 46 -3.66 18.11 -19.22
CA GLU C 46 -5.11 18.24 -19.16
C GLU C 46 -5.72 17.15 -18.29
N TRP C 47 -6.72 17.53 -17.50
CA TRP C 47 -7.43 16.60 -16.63
C TRP C 47 -8.61 16.00 -17.38
N ILE C 48 -8.68 14.67 -17.42
CA ILE C 48 -9.72 13.98 -18.18
C ILE C 48 -10.95 13.71 -17.30
N GLY C 49 -10.79 12.91 -16.25
CA GLY C 49 -11.89 12.58 -15.36
C GLY C 49 -11.47 11.81 -14.13
N TYR C 50 -12.42 11.13 -13.51
CA TYR C 50 -12.14 10.24 -12.38
C TYR C 50 -13.20 9.16 -12.20
N ILE C 51 -12.84 8.11 -11.47
CA ILE C 51 -13.75 7.00 -11.20
C ILE C 51 -13.61 6.51 -9.77
N ASN C 52 -14.75 6.33 -9.10
CA ASN C 52 -14.78 5.68 -7.80
C ASN C 52 -14.84 4.18 -8.02
N PRO C 53 -13.74 3.47 -7.73
CA PRO C 53 -13.70 2.05 -8.04
C PRO C 53 -14.68 1.21 -7.19
N SER C 54 -15.13 1.76 -6.07
CA SER C 54 -16.15 1.12 -5.25
C SER C 54 -17.49 1.06 -5.96
N THR C 55 -18.01 2.23 -6.32
CA THR C 55 -19.37 2.36 -6.88
C THR C 55 -19.41 2.41 -8.40
N GLY C 56 -18.29 2.70 -9.04
CA GLY C 56 -18.23 2.85 -10.49
C GLY C 56 -18.71 4.22 -10.96
N TYR C 57 -18.84 5.16 -10.04
CA TYR C 57 -19.25 6.51 -10.37
C TYR C 57 -18.13 7.25 -11.07
N THR C 58 -18.39 7.66 -12.31
CA THR C 58 -17.41 8.42 -13.10
C THR C 58 -17.90 9.85 -13.31
N GLU C 59 -16.95 10.77 -13.43
CA GLU C 59 -17.20 12.16 -13.80
C GLU C 59 -16.11 12.61 -14.75
N TYR C 60 -16.49 13.26 -15.83
CA TYR C 60 -15.55 13.64 -16.88
C TYR C 60 -15.41 15.14 -17.02
N ASN C 61 -14.43 15.54 -17.81
CA ASN C 61 -14.30 16.91 -18.29
C ASN C 61 -15.20 17.06 -19.51
N GLN C 62 -15.84 18.22 -19.66
CA GLN C 62 -16.66 18.50 -20.85
C GLN C 62 -15.86 18.29 -22.14
N LYS C 63 -14.58 18.66 -22.11
CA LYS C 63 -13.70 18.51 -23.27
C LYS C 63 -13.47 17.06 -23.66
N PHE C 64 -13.43 16.17 -22.67
CA PHE C 64 -13.22 14.74 -22.92
C PHE C 64 -14.50 13.90 -22.88
N LYS C 65 -15.64 14.58 -22.75
CA LYS C 65 -16.94 13.95 -22.95
C LYS C 65 -17.02 13.40 -24.37
N ASP C 66 -17.57 12.20 -24.54
CA ASP C 66 -17.65 11.53 -25.84
C ASP C 66 -16.28 11.16 -26.41
N LYS C 67 -15.29 11.02 -25.53
CA LYS C 67 -13.92 10.74 -25.96
C LYS C 67 -13.23 9.69 -25.10
N ALA C 68 -13.16 9.96 -23.79
CA ALA C 68 -12.56 9.05 -22.84
C ALA C 68 -13.65 8.41 -21.98
N THR C 69 -13.62 7.08 -21.85
CA THR C 69 -14.56 6.37 -21.00
C THR C 69 -13.79 5.67 -19.90
N LEU C 70 -14.14 5.98 -18.64
CA LEU C 70 -13.45 5.41 -17.49
C LEU C 70 -14.22 4.22 -16.94
N THR C 71 -13.48 3.16 -16.60
CA THR C 71 -14.05 1.98 -16.00
C THR C 71 -13.09 1.40 -14.96
N ALA C 72 -13.63 0.56 -14.08
CA ALA C 72 -12.85 -0.06 -13.01
C ALA C 72 -13.17 -1.54 -12.91
N ASP C 73 -12.33 -2.27 -12.18
CA ASP C 73 -12.49 -3.71 -12.00
C ASP C 73 -11.92 -4.09 -10.63
N ARG C 74 -12.82 -4.26 -9.67
CA ARG C 74 -12.43 -4.47 -8.27
C ARG C 74 -11.65 -5.75 -8.06
N SER C 75 -12.01 -6.81 -8.80
CA SER C 75 -11.36 -8.11 -8.65
C SER C 75 -9.85 -8.03 -8.89
N SER C 76 -9.45 -7.40 -9.99
CA SER C 76 -8.03 -7.27 -10.34
C SER C 76 -7.39 -5.97 -9.85
N THR C 77 -8.20 -5.09 -9.24
CA THR C 77 -7.76 -3.74 -8.84
C THR C 77 -7.06 -3.00 -9.97
N THR C 78 -7.70 -2.97 -11.13
CA THR C 78 -7.17 -2.28 -12.30
C THR C 78 -8.21 -1.32 -12.86
N ALA C 79 -7.81 -0.05 -13.06
CA ALA C 79 -8.66 0.94 -13.71
C ALA C 79 -8.31 0.97 -15.19
N TYR C 80 -9.31 1.18 -16.03
CA TYR C 80 -9.10 1.27 -17.48
C TYR C 80 -9.57 2.63 -18.00
N MET C 81 -8.95 3.08 -19.09
CA MET C 81 -9.47 4.20 -19.88
C MET C 81 -9.56 3.80 -21.35
N GLN C 82 -10.65 4.18 -21.97
CA GLN C 82 -10.99 3.79 -23.32
C GLN C 82 -11.11 5.06 -24.16
N LEU C 83 -10.45 5.09 -25.32
CA LEU C 83 -10.44 6.26 -26.19
C LEU C 83 -11.08 5.92 -27.54
N ILE C 84 -12.04 6.74 -27.96
CA ILE C 84 -12.85 6.46 -29.16
C ILE C 84 -12.56 7.46 -30.27
N SER C 85 -12.76 7.02 -31.52
CA SER C 85 -12.64 7.88 -32.71
C SER C 85 -11.36 8.72 -32.69
N LEU C 86 -10.23 8.03 -32.62
CA LEU C 86 -8.94 8.69 -32.42
C LEU C 86 -8.54 9.59 -33.59
N THR C 87 -7.83 10.67 -33.23
CA THR C 87 -7.17 11.54 -34.19
C THR C 87 -5.71 11.72 -33.74
N SER C 88 -4.90 12.35 -34.59
CA SER C 88 -3.51 12.65 -34.23
C SER C 88 -3.41 13.58 -33.02
N GLY C 89 -4.45 14.39 -32.78
CA GLY C 89 -4.55 15.22 -31.58
C GLY C 89 -4.52 14.42 -30.29
N ASP C 90 -5.04 13.20 -30.34
CA ASP C 90 -5.07 12.32 -29.16
C ASP C 90 -3.74 11.63 -28.89
N SER C 91 -2.76 11.84 -29.77
CA SER C 91 -1.41 11.35 -29.53
C SER C 91 -0.80 12.12 -28.37
N ALA C 92 -0.52 11.41 -27.28
CA ALA C 92 -0.01 12.02 -26.06
C ALA C 92 0.45 10.95 -25.06
N VAL C 93 0.92 11.38 -23.89
CA VAL C 93 1.24 10.48 -22.80
C VAL C 93 0.18 10.61 -21.72
N TYR C 94 -0.55 9.53 -21.48
CA TYR C 94 -1.66 9.52 -20.52
C TYR C 94 -1.22 8.91 -19.20
N TYR C 95 -1.76 9.43 -18.10
CA TYR C 95 -1.45 8.93 -16.76
C TYR C 95 -2.70 8.49 -16.04
N CYS C 96 -2.53 7.59 -15.08
CA CYS C 96 -3.52 7.33 -14.04
C CYS C 96 -2.93 7.91 -12.76
N ALA C 97 -3.77 8.51 -11.93
CA ALA C 97 -3.31 9.14 -10.69
C ALA C 97 -4.28 8.89 -9.55
N ARG C 98 -3.80 8.27 -8.48
CA ARG C 98 -4.64 7.99 -7.32
C ARG C 98 -4.89 9.28 -6.53
N SER C 99 -6.10 9.40 -5.99
CA SER C 99 -6.48 10.56 -5.19
C SER C 99 -6.06 10.40 -3.74
N ASP C 100 -6.29 11.45 -2.95
CA ASP C 100 -6.16 11.38 -1.50
C ASP C 100 -7.55 11.16 -0.90
N GLN C 101 -7.67 11.30 0.42
CA GLN C 101 -8.95 11.10 1.11
C GLN C 101 -10.01 12.10 0.68
N THR C 102 -9.60 13.36 0.52
CA THR C 102 -10.53 14.46 0.19
C THR C 102 -10.92 14.55 -1.29
N ASN C 103 -10.28 13.73 -2.14
CA ASN C 103 -10.49 13.74 -3.58
C ASN C 103 -10.19 15.10 -4.23
N TYR C 104 -9.21 15.81 -3.68
CA TYR C 104 -8.73 17.07 -4.24
C TYR C 104 -7.27 16.98 -4.70
N LEU C 105 -6.47 16.17 -4.00
CA LEU C 105 -5.05 16.01 -4.31
C LEU C 105 -4.81 14.79 -5.20
N PHE C 106 -3.61 14.70 -5.76
CA PHE C 106 -3.23 13.54 -6.61
C PHE C 106 -1.91 12.88 -6.16
N PRO C 107 -1.87 12.41 -4.89
CA PRO C 107 -0.66 11.87 -4.26
C PRO C 107 0.27 11.07 -5.18
N TYR C 108 -0.27 10.04 -5.83
CA TYR C 108 0.54 9.07 -6.58
C TYR C 108 0.10 8.97 -8.04
N TRP C 109 1.06 8.69 -8.92
CA TRP C 109 0.82 8.59 -10.36
C TRP C 109 1.35 7.27 -10.92
N GLY C 110 1.00 6.99 -12.17
CA GLY C 110 1.60 5.89 -12.93
C GLY C 110 2.74 6.39 -13.78
N GLN C 111 3.52 5.48 -14.35
CA GLN C 111 4.69 5.86 -15.17
C GLN C 111 4.31 6.53 -16.48
N GLY C 112 3.09 6.27 -16.95
CA GLY C 112 2.57 6.87 -18.19
C GLY C 112 2.28 5.82 -19.24
N THR C 113 1.50 6.20 -20.24
CA THR C 113 1.21 5.34 -21.38
C THR C 113 1.24 6.19 -22.65
N LEU C 114 2.26 5.98 -23.48
CA LEU C 114 2.38 6.72 -24.72
C LEU C 114 1.32 6.23 -25.70
N VAL C 115 0.68 7.19 -26.36
CA VAL C 115 -0.30 6.90 -27.40
C VAL C 115 0.07 7.70 -28.65
N THR C 116 0.25 7.02 -29.77
CA THR C 116 0.53 7.67 -31.05
C THR C 116 -0.52 7.25 -32.08
N VAL C 117 -1.16 8.25 -32.69
CA VAL C 117 -2.22 8.02 -33.66
C VAL C 117 -1.76 8.50 -35.03
N SER C 118 -1.66 7.57 -35.99
CA SER C 118 -1.20 7.90 -37.33
C SER C 118 -1.60 6.83 -38.33
N ALA C 119 -2.05 7.25 -39.52
CA ALA C 119 -2.45 6.34 -40.59
C ALA C 119 -1.24 5.70 -41.27
N ALA C 120 -0.05 6.25 -41.02
CA ALA C 120 1.18 5.75 -41.63
C ALA C 120 1.52 4.35 -41.13
N LYS C 121 2.00 3.51 -42.05
CA LYS C 121 2.37 2.14 -41.71
C LYS C 121 3.88 2.04 -41.59
N THR C 122 4.36 0.95 -41.01
CA THR C 122 5.78 0.78 -40.67
C THR C 122 6.69 1.05 -41.86
N THR C 123 7.75 1.81 -41.62
CA THR C 123 8.70 2.19 -42.66
C THR C 123 10.12 2.24 -42.10
N ALA C 124 11.03 1.54 -42.76
CA ALA C 124 12.44 1.55 -42.38
C ALA C 124 13.10 2.87 -42.81
N PRO C 125 13.96 3.43 -41.95
CA PRO C 125 14.60 4.72 -42.24
C PRO C 125 15.65 4.64 -43.34
N SER C 126 15.74 5.69 -44.15
CA SER C 126 16.89 5.88 -45.02
C SER C 126 17.96 6.58 -44.20
N VAL C 127 19.14 5.95 -44.13
CA VAL C 127 20.24 6.42 -43.28
C VAL C 127 21.39 6.94 -44.15
N TYR C 128 21.64 8.25 -44.08
CA TYR C 128 22.65 8.89 -44.92
C TYR C 128 23.83 9.34 -44.08
N PRO C 129 25.08 9.07 -44.54
CA PRO C 129 26.27 9.50 -43.83
C PRO C 129 26.69 10.91 -44.22
N LEU C 130 26.94 11.76 -43.22
CA LEU C 130 27.30 13.16 -43.48
C LEU C 130 28.77 13.40 -43.14
N ALA C 131 29.55 13.76 -44.17
CA ALA C 131 30.96 14.08 -44.00
C ALA C 131 31.16 15.57 -44.20
N PRO C 132 32.23 16.15 -43.61
CA PRO C 132 32.43 17.60 -43.68
C PRO C 132 32.62 18.12 -45.10
N VAL C 133 32.37 19.42 -45.29
CA VAL C 133 32.41 20.03 -46.62
C VAL C 133 33.73 19.76 -47.34
N CYS C 134 33.65 19.65 -48.67
CA CYS C 134 34.78 19.25 -49.51
C CYS C 134 36.10 19.95 -49.16
N GLY C 135 36.03 21.25 -48.84
CA GLY C 135 37.22 22.02 -48.49
C GLY C 135 37.79 21.67 -47.12
N ASP C 136 39.12 21.52 -47.06
CA ASP C 136 39.81 21.19 -45.81
C ASP C 136 39.90 22.40 -44.87
N THR C 137 39.60 22.18 -43.60
CA THR C 137 39.67 23.23 -42.57
C THR C 137 40.60 22.80 -41.44
N THR C 138 40.85 23.73 -40.51
CA THR C 138 41.68 23.46 -39.32
C THR C 138 41.16 24.29 -38.14
N SER C 140 41.77 21.51 -36.43
CA SER C 140 41.80 21.44 -34.97
C SER C 140 40.97 20.25 -34.46
N SER C 141 39.65 20.30 -34.69
CA SER C 141 38.75 19.19 -34.36
C SER C 141 37.60 19.15 -35.36
N VAL C 142 37.23 17.95 -35.81
CA VAL C 142 36.26 17.78 -36.89
C VAL C 142 34.92 17.26 -36.37
N THR C 143 33.85 17.58 -37.09
CA THR C 143 32.49 17.15 -36.75
C THR C 143 31.85 16.39 -37.91
N LEU C 144 31.40 15.17 -37.64
CA LEU C 144 30.68 14.36 -38.61
C LEU C 144 29.19 14.35 -38.28
N GLY C 145 28.39 13.76 -39.17
CA GLY C 145 26.94 13.68 -38.96
C GLY C 145 26.31 12.43 -39.54
N CYS C 146 25.02 12.25 -39.29
CA CYS C 146 24.28 11.08 -39.77
C CYS C 146 22.79 11.40 -39.85
N LEU C 147 22.26 11.45 -41.07
CA LEU C 147 20.86 11.81 -41.30
C LEU C 147 19.98 10.58 -41.46
N VAL C 148 18.98 10.46 -40.58
CA VAL C 148 18.01 9.37 -40.62
C VAL C 148 16.68 9.95 -41.07
N LYS C 149 16.18 9.52 -42.22
CA LYS C 149 15.02 10.17 -42.84
C LYS C 149 13.89 9.19 -43.13
N GLY C 150 12.66 9.65 -42.88
CA GLY C 150 11.44 8.98 -43.34
C GLY C 150 11.19 7.60 -42.75
N TYR C 151 10.96 7.54 -41.44
CA TYR C 151 10.64 6.28 -40.77
C TYR C 151 9.40 6.39 -39.89
N PHE C 152 8.84 5.23 -39.55
CA PHE C 152 7.69 5.13 -38.66
C PHE C 152 7.56 3.69 -38.15
N PRO C 153 7.18 3.51 -36.88
CA PRO C 153 6.98 4.49 -35.82
C PRO C 153 8.29 4.74 -35.09
N GLU C 154 8.25 5.50 -34.02
CA GLU C 154 9.43 5.69 -33.17
C GLU C 154 9.62 4.47 -32.26
N PRO C 155 10.84 4.30 -31.69
CA PRO C 155 12.05 5.08 -31.87
C PRO C 155 13.08 4.35 -32.74
N VAL C 156 14.28 4.92 -32.84
CA VAL C 156 15.43 4.26 -33.46
C VAL C 156 16.60 4.33 -32.51
N THR C 157 17.41 3.27 -32.48
CA THR C 157 18.64 3.25 -31.69
C THR C 157 19.80 3.68 -32.60
N LEU C 158 20.27 4.92 -32.43
CA LEU C 158 21.39 5.43 -33.22
C LEU C 158 22.67 5.37 -32.39
N THR C 159 23.69 4.71 -32.92
CA THR C 159 24.98 4.60 -32.23
C THR C 159 26.14 4.95 -33.15
N TRP C 160 27.28 5.26 -32.55
CA TRP C 160 28.52 5.56 -33.27
C TRP C 160 29.58 4.53 -32.90
N ASN C 161 30.04 3.78 -33.90
CA ASN C 161 30.96 2.65 -33.70
C ASN C 161 30.39 1.66 -32.66
N SER C 162 29.12 1.31 -32.85
CA SER C 162 28.44 0.31 -32.02
C SER C 162 28.37 0.64 -30.52
N GLY C 163 28.51 1.91 -30.17
CA GLY C 163 28.40 2.35 -28.77
C GLY C 163 29.70 2.71 -28.07
N SER C 164 30.83 2.38 -28.68
CA SER C 164 32.14 2.67 -28.09
C SER C 164 32.42 4.18 -28.08
N LEU C 165 32.20 4.84 -29.21
CA LEU C 165 32.29 6.30 -29.30
C LEU C 165 30.98 6.94 -28.80
N SER C 166 31.01 7.46 -27.57
CA SER C 166 29.82 7.98 -26.90
C SER C 166 29.90 9.46 -26.55
N SER C 167 31.09 9.94 -26.21
CA SER C 167 31.28 11.35 -25.84
C SER C 167 31.41 12.24 -27.07
N GLY C 168 30.99 13.51 -26.91
CA GLY C 168 31.04 14.47 -28.01
C GLY C 168 29.96 14.27 -29.05
N VAL C 169 28.92 13.51 -28.68
CA VAL C 169 27.83 13.17 -29.58
C VAL C 169 26.59 13.97 -29.22
N HIS C 170 25.84 14.38 -30.24
CA HIS C 170 24.53 14.99 -30.06
C HIS C 170 23.53 14.31 -30.98
N THR C 171 22.65 13.48 -30.43
CA THR C 171 21.59 12.81 -31.20
C THR C 171 20.26 13.50 -30.93
N PHE C 172 19.74 14.22 -31.92
CA PHE C 172 18.60 15.12 -31.72
C PHE C 172 17.25 14.40 -31.70
N PRO C 173 16.23 14.99 -31.05
CA PRO C 173 14.89 14.40 -31.06
C PRO C 173 14.27 14.33 -32.45
N ALA C 174 13.34 13.40 -32.63
CA ALA C 174 12.67 13.19 -33.90
C ALA C 174 11.67 14.30 -34.21
N VAL C 175 11.46 14.54 -35.51
CA VAL C 175 10.53 15.56 -35.98
C VAL C 175 9.71 14.95 -37.11
N LEU C 176 8.49 15.46 -37.30
CA LEU C 176 7.54 14.88 -38.25
C LEU C 176 7.63 15.50 -39.65
N GLN C 177 7.80 14.65 -40.65
CA GLN C 177 7.82 15.03 -42.07
C GLN C 177 6.58 14.45 -42.76
N SER C 178 5.40 14.97 -42.41
CA SER C 178 4.10 14.44 -42.86
C SER C 178 3.92 12.96 -42.49
N ASP C 179 3.66 12.72 -41.20
CA ASP C 179 3.48 11.37 -40.65
C ASP C 179 4.67 10.43 -40.91
N LEU C 180 5.87 11.00 -41.00
CA LEU C 180 7.10 10.24 -41.16
C LEU C 180 8.21 10.95 -40.39
N TYR C 181 8.88 10.21 -39.51
CA TYR C 181 9.85 10.82 -38.61
C TYR C 181 11.22 11.02 -39.26
N THR C 182 11.89 12.12 -38.88
CA THR C 182 13.23 12.44 -39.36
C THR C 182 14.09 12.81 -38.16
N LEU C 183 15.33 12.33 -38.17
CA LEU C 183 16.24 12.51 -37.04
C LEU C 183 17.67 12.63 -37.55
N SER C 184 18.54 13.23 -36.76
CA SER C 184 19.96 13.33 -37.09
C SER C 184 20.83 13.27 -35.85
N SER C 185 22.12 13.03 -36.06
CA SER C 185 23.08 13.00 -34.97
C SER C 185 24.43 13.54 -35.44
N SER C 186 25.14 14.22 -34.55
CA SER C 186 26.48 14.73 -34.85
C SER C 186 27.47 14.20 -33.83
N VAL C 187 28.72 14.04 -34.26
CA VAL C 187 29.79 13.57 -33.37
C VAL C 187 31.10 14.31 -33.64
N THR C 188 31.53 15.11 -32.65
CA THR C 188 32.74 15.91 -32.77
C THR C 188 33.95 15.20 -32.15
N VAL C 189 34.97 14.97 -32.96
CA VAL C 189 36.23 14.37 -32.51
C VAL C 189 37.42 15.24 -32.95
N THR C 190 38.60 14.93 -32.44
CA THR C 190 39.81 15.68 -32.80
C THR C 190 40.26 15.36 -34.22
N SER C 191 40.87 16.34 -34.87
CA SER C 191 41.17 16.27 -36.30
C SER C 191 42.07 15.09 -36.67
N SER C 192 42.92 14.68 -35.74
CA SER C 192 43.80 13.53 -35.94
C SER C 192 43.06 12.19 -35.97
N THR C 193 41.92 12.12 -35.28
CA THR C 193 41.17 10.87 -35.13
C THR C 193 40.50 10.41 -36.44
N TRP C 194 39.96 11.35 -37.20
CA TRP C 194 39.26 11.05 -38.45
C TRP C 194 39.78 11.96 -39.57
N PRO C 195 39.95 11.42 -40.80
CA PRO C 195 39.62 10.08 -41.29
C PRO C 195 40.57 8.93 -40.92
N SER C 196 41.57 9.21 -40.08
CA SER C 196 42.60 8.22 -39.69
C SER C 196 42.00 6.92 -39.15
N GLN C 197 40.98 7.05 -38.31
CA GLN C 197 40.30 5.90 -37.72
C GLN C 197 38.84 5.87 -38.17
N SER C 198 38.28 4.67 -38.28
CA SER C 198 36.94 4.49 -38.82
C SER C 198 35.84 5.01 -37.88
N ILE C 199 34.97 5.88 -38.40
CA ILE C 199 33.77 6.30 -37.70
C ILE C 199 32.54 5.85 -38.49
N THR C 200 31.73 4.99 -37.87
CA THR C 200 30.55 4.43 -38.51
C THR C 200 29.30 4.80 -37.72
N CYS C 201 28.21 5.02 -38.44
CA CYS C 201 26.93 5.37 -37.84
C CYS C 201 25.99 4.17 -37.96
N ASN C 202 25.54 3.64 -36.82
CA ASN C 202 24.61 2.51 -36.80
C ASN C 202 23.21 2.96 -36.41
N VAL C 203 22.23 2.64 -37.25
CA VAL C 203 20.84 3.00 -36.98
C VAL C 203 20.01 1.72 -37.00
N ALA C 204 19.43 1.39 -35.85
CA ALA C 204 18.53 0.25 -35.72
C ALA C 204 17.11 0.75 -35.51
N HIS C 205 16.18 0.23 -36.29
CA HIS C 205 14.76 0.58 -36.18
C HIS C 205 13.98 -0.70 -35.83
N PRO C 206 13.80 -0.95 -34.51
CA PRO C 206 13.16 -2.18 -34.02
C PRO C 206 11.91 -2.61 -34.77
N ALA C 207 11.03 -1.66 -35.06
CA ALA C 207 9.71 -1.96 -35.65
C ALA C 207 9.76 -2.68 -37.01
N SER C 208 10.86 -2.52 -37.75
CA SER C 208 11.03 -3.19 -39.04
C SER C 208 12.17 -4.21 -39.03
N SER C 209 12.78 -4.43 -37.87
CA SER C 209 13.92 -5.35 -37.71
C SER C 209 15.08 -5.04 -38.66
N THR C 210 15.40 -3.75 -38.81
CA THR C 210 16.40 -3.30 -39.78
C THR C 210 17.63 -2.68 -39.12
N LYS C 211 18.75 -3.41 -39.19
CA LYS C 211 20.05 -2.92 -38.74
C LYS C 211 20.79 -2.33 -39.94
N VAL C 212 21.22 -1.07 -39.82
CA VAL C 212 21.89 -0.38 -40.93
C VAL C 212 23.16 0.31 -40.43
N ASP C 213 24.28 0.04 -41.11
CA ASP C 213 25.56 0.69 -40.81
C ASP C 213 26.00 1.55 -41.99
N LYS C 214 26.26 2.83 -41.75
CA LYS C 214 26.81 3.72 -42.78
C LYS C 214 28.13 4.35 -42.31
N LYS C 215 29.23 3.95 -42.95
CA LYS C 215 30.54 4.51 -42.65
C LYS C 215 30.67 5.92 -43.20
N ILE C 216 31.33 6.80 -42.46
CA ILE C 216 31.57 8.18 -42.90
C ILE C 216 32.88 8.20 -43.68
N GLU C 217 32.80 8.58 -44.95
CA GLU C 217 33.95 8.69 -45.83
C GLU C 217 34.14 10.15 -46.19
N PRO C 218 35.39 10.60 -46.33
CA PRO C 218 35.61 11.98 -46.80
C PRO C 218 35.19 12.16 -48.26
N ARG C 219 34.69 13.34 -48.58
CA ARG C 219 34.12 13.61 -49.91
C ARG C 219 35.20 13.69 -50.99
N ASP D 1 -13.87 26.74 -17.57
CA ASP D 1 -12.55 26.29 -17.02
C ASP D 1 -11.70 27.48 -16.56
N VAL D 2 -11.03 27.30 -15.42
CA VAL D 2 -10.10 28.27 -14.89
C VAL D 2 -8.76 28.14 -15.60
N VAL D 3 -8.08 29.26 -15.84
CA VAL D 3 -6.80 29.27 -16.52
C VAL D 3 -5.67 29.45 -15.48
N MET D 4 -4.58 28.70 -15.67
CA MET D 4 -3.39 28.79 -14.83
C MET D 4 -2.20 29.20 -15.69
N THR D 5 -1.50 30.25 -15.28
CA THR D 5 -0.36 30.78 -16.03
C THR D 5 0.84 30.99 -15.11
N GLN D 6 1.98 30.40 -15.48
CA GLN D 6 3.21 30.50 -14.68
C GLN D 6 4.22 31.44 -15.34
N ILE D 7 5.08 32.02 -14.52
CA ILE D 7 6.16 32.89 -15.00
C ILE D 7 7.45 32.54 -14.27
N PRO D 8 8.57 32.38 -15.02
CA PRO D 8 8.72 32.38 -16.47
C PRO D 8 8.63 30.96 -17.01
N LEU D 9 8.68 30.81 -18.34
CA LEU D 9 8.67 29.50 -18.97
C LEU D 9 9.92 28.70 -18.61
N SER D 10 11.04 29.39 -18.43
CA SER D 10 12.33 28.77 -18.10
C SER D 10 13.13 29.66 -17.16
N LEU D 11 13.63 29.08 -16.07
CA LEU D 11 14.41 29.81 -15.07
C LEU D 11 15.79 29.17 -14.87
N PRO D 12 16.84 29.79 -15.43
CA PRO D 12 18.20 29.28 -15.21
C PRO D 12 18.77 29.70 -13.86
N VAL D 13 19.29 28.73 -13.10
CA VAL D 13 19.94 28.99 -11.81
C VAL D 13 21.08 28.00 -11.53
N SER D 14 22.11 28.49 -10.85
CA SER D 14 23.26 27.65 -10.48
C SER D 14 22.99 26.89 -9.18
N LEU D 15 23.59 25.71 -9.05
CA LEU D 15 23.39 24.85 -7.89
C LEU D 15 23.75 25.55 -6.58
N GLY D 16 22.78 25.65 -5.68
CA GLY D 16 22.96 26.32 -4.39
C GLY D 16 22.14 27.59 -4.27
N ASP D 17 21.78 28.19 -5.40
CA ASP D 17 20.99 29.43 -5.40
C ASP D 17 19.55 29.20 -4.95
N GLN D 18 18.81 30.29 -4.80
CA GLN D 18 17.38 30.24 -4.48
C GLN D 18 16.57 30.57 -5.74
N ALA D 19 15.69 29.64 -6.13
CA ALA D 19 14.78 29.86 -7.23
C ALA D 19 13.47 30.46 -6.71
N SER D 20 12.69 31.04 -7.62
CA SER D 20 11.38 31.58 -7.28
C SER D 20 10.43 31.56 -8.47
N ILE D 21 9.43 30.69 -8.41
CA ILE D 21 8.44 30.53 -9.47
C ILE D 21 7.11 31.10 -9.01
N SER D 22 6.38 31.73 -9.93
CA SER D 22 5.05 32.28 -9.64
C SER D 22 3.97 31.58 -10.47
N CYS D 23 2.74 31.63 -9.97
CA CYS D 23 1.58 31.05 -10.65
C CYS D 23 0.35 31.94 -10.43
N ARG D 24 -0.35 32.27 -11.51
CA ARG D 24 -1.53 33.14 -11.45
C ARG D 24 -2.76 32.43 -11.98
N SER D 25 -3.87 32.56 -11.26
CA SER D 25 -5.15 31.98 -11.65
C SER D 25 -6.03 33.06 -12.28
N SER D 26 -6.98 32.62 -13.11
CA SER D 26 -7.92 33.53 -13.78
C SER D 26 -9.16 33.83 -12.91
N GLN D 27 -9.23 33.21 -11.74
CA GLN D 27 -10.22 33.57 -10.72
C GLN D 27 -9.80 33.00 -9.37
N SER D 28 -10.33 33.58 -8.29
CA SER D 28 -9.92 33.22 -6.94
C SER D 28 -10.07 31.72 -6.68
N LEU D 29 -9.12 31.15 -5.95
CA LEU D 29 -9.09 29.72 -5.66
C LEU D 29 -9.53 29.41 -4.23
N VAL D 30 -9.98 30.42 -3.49
CA VAL D 30 -10.58 30.19 -2.19
C VAL D 30 -11.94 29.51 -2.39
N HIS D 31 -12.05 28.27 -1.93
CA HIS D 31 -13.28 27.51 -2.08
C HIS D 31 -14.26 27.90 -0.98
N SER D 32 -15.55 27.77 -1.26
CA SER D 32 -16.61 28.18 -0.32
C SER D 32 -16.50 27.54 1.07
N ASN D 33 -15.75 26.44 1.19
CA ASN D 33 -15.47 25.83 2.49
C ASN D 33 -14.31 26.48 3.26
N GLY D 34 -13.66 27.47 2.65
CA GLY D 34 -12.58 28.22 3.30
C GLY D 34 -11.18 27.87 2.83
N ASN D 35 -10.99 26.64 2.36
CA ASN D 35 -9.68 26.19 1.89
C ASN D 35 -9.34 26.75 0.51
N THR D 36 -8.05 26.66 0.16
CA THR D 36 -7.55 27.08 -1.15
C THR D 36 -6.78 25.92 -1.80
N TYR D 37 -7.40 25.28 -2.78
CA TYR D 37 -6.84 24.06 -3.39
C TYR D 37 -5.92 24.39 -4.56
N LEU D 38 -4.69 24.81 -4.23
CA LEU D 38 -3.64 25.04 -5.23
C LEU D 38 -2.36 24.29 -4.85
N HIS D 39 -1.80 23.58 -5.82
CA HIS D 39 -0.71 22.62 -5.57
C HIS D 39 0.44 22.77 -6.56
N TRP D 40 1.66 22.51 -6.07
CA TRP D 40 2.86 22.53 -6.90
C TRP D 40 3.37 21.11 -7.10
N SER D 41 3.70 20.77 -8.34
CA SER D 41 4.20 19.45 -8.68
C SER D 41 5.44 19.56 -9.56
N LEU D 42 6.35 18.60 -9.44
CA LEU D 42 7.60 18.59 -10.19
C LEU D 42 7.67 17.38 -11.12
N GLN D 43 8.01 17.61 -12.38
CA GLN D 43 8.15 16.53 -13.36
C GLN D 43 9.56 16.50 -13.91
N LYS D 44 10.35 15.52 -13.46
CA LYS D 44 11.67 15.29 -14.01
C LYS D 44 11.49 14.59 -15.35
N PRO D 45 12.41 14.82 -16.32
CA PRO D 45 12.21 14.29 -17.67
C PRO D 45 12.16 12.76 -17.71
N GLY D 46 11.26 12.23 -18.54
CA GLY D 46 11.13 10.78 -18.73
C GLY D 46 10.33 10.06 -17.65
N GLN D 47 9.51 10.81 -16.91
CA GLN D 47 8.69 10.21 -15.86
C GLN D 47 7.51 11.13 -15.49
N SER D 48 6.60 10.60 -14.66
CA SER D 48 5.39 11.31 -14.27
C SER D 48 5.69 12.48 -13.33
N PRO D 49 4.72 13.41 -13.17
CA PRO D 49 4.85 14.45 -12.16
C PRO D 49 4.67 13.90 -10.76
N ASN D 50 5.26 14.58 -9.77
CA ASN D 50 5.10 14.21 -8.37
C ASN D 50 4.62 15.41 -7.57
N LEU D 51 3.69 15.18 -6.66
CA LEU D 51 3.13 16.25 -5.84
C LEU D 51 4.14 16.72 -4.80
N LEU D 52 4.44 18.01 -4.81
CA LEU D 52 5.36 18.60 -3.84
C LEU D 52 4.58 19.31 -2.74
N ILE D 53 3.85 20.36 -3.13
CA ILE D 53 3.14 21.20 -2.18
C ILE D 53 1.64 21.14 -2.45
N TYR D 54 0.85 20.95 -1.39
CA TYR D 54 -0.62 21.04 -1.51
C TYR D 54 -1.19 22.10 -0.59
N LYS D 55 -2.38 22.58 -0.94
CA LYS D 55 -3.02 23.69 -0.23
C LYS D 55 -2.05 24.85 0.02
N VAL D 56 -1.35 25.27 -1.04
CA VAL D 56 -0.44 26.42 -0.99
C VAL D 56 0.87 26.20 -0.22
N SER D 57 0.77 25.80 1.05
CA SER D 57 1.93 25.71 1.96
C SER D 57 2.40 24.28 2.27
N ASN D 58 1.46 23.35 2.37
CA ASN D 58 1.74 22.03 2.96
C ASN D 58 2.67 21.15 2.13
N ARG D 59 3.83 20.83 2.69
CA ARG D 59 4.75 19.90 2.05
C ARG D 59 4.17 18.49 2.06
N PHE D 60 4.27 17.81 0.92
CA PHE D 60 3.89 16.40 0.84
C PHE D 60 4.95 15.57 1.57
N SER D 61 4.61 14.33 1.90
CA SER D 61 5.53 13.45 2.63
C SER D 61 6.78 13.18 1.80
N GLY D 62 7.95 13.39 2.42
CA GLY D 62 9.23 13.19 1.75
C GLY D 62 9.71 14.41 0.97
N VAL D 63 9.06 15.55 1.15
CA VAL D 63 9.48 16.81 0.54
C VAL D 63 10.20 17.64 1.60
N PRO D 64 11.49 17.97 1.36
CA PRO D 64 12.28 18.66 2.38
C PRO D 64 11.87 20.11 2.61
N ASP D 65 12.40 20.71 3.68
CA ASP D 65 12.04 22.06 4.10
C ASP D 65 12.46 23.15 3.10
N ARG D 66 13.31 22.78 2.14
CA ARG D 66 13.76 23.70 1.09
C ARG D 66 12.60 24.35 0.33
N PHE D 67 11.63 23.53 -0.06
CA PHE D 67 10.50 23.98 -0.86
C PHE D 67 9.48 24.69 0.02
N SER D 68 9.17 25.94 -0.33
CA SER D 68 8.34 26.80 0.52
C SER D 68 7.31 27.57 -0.31
N GLY D 69 6.15 26.96 -0.52
CA GLY D 69 5.05 27.58 -1.27
C GLY D 69 4.24 28.57 -0.43
N SER D 70 3.76 29.62 -1.09
CA SER D 70 3.08 30.73 -0.41
C SER D 70 2.04 31.40 -1.32
N GLY D 71 1.37 32.42 -0.80
CA GLY D 71 0.36 33.16 -1.55
C GLY D 71 -1.04 32.96 -1.00
N SER D 72 -2.02 33.59 -1.64
CA SER D 72 -3.43 33.45 -1.27
C SER D 72 -4.33 34.20 -2.25
N GLY D 73 -5.30 33.48 -2.82
CA GLY D 73 -6.33 34.09 -3.67
C GLY D 73 -6.02 34.08 -5.16
N THR D 74 -5.74 35.26 -5.72
CA THR D 74 -5.62 35.43 -7.17
C THR D 74 -4.35 34.86 -7.76
N ASP D 75 -3.25 34.89 -6.99
CA ASP D 75 -1.98 34.31 -7.45
C ASP D 75 -1.03 33.92 -6.31
N PHE D 76 -0.08 33.04 -6.63
CA PHE D 76 0.73 32.33 -5.65
C PHE D 76 2.20 32.27 -6.07
N THR D 77 3.04 31.71 -5.20
CA THR D 77 4.48 31.65 -5.42
C THR D 77 5.11 30.39 -4.81
N LEU D 78 6.21 29.93 -5.38
CA LEU D 78 6.99 28.80 -4.85
C LEU D 78 8.44 29.21 -4.74
N LYS D 79 9.09 28.85 -3.63
CA LYS D 79 10.49 29.19 -3.42
C LYS D 79 11.33 27.98 -3.00
N ILE D 80 12.49 27.85 -3.64
CA ILE D 80 13.39 26.72 -3.42
C ILE D 80 14.75 27.23 -2.97
N SER D 81 14.90 27.49 -1.68
CA SER D 81 16.19 27.87 -1.11
C SER D 81 17.11 26.65 -1.12
N ARG D 82 18.36 26.84 -1.60
CA ARG D 82 19.32 25.75 -1.81
C ARG D 82 18.90 24.78 -2.92
N VAL D 83 18.91 25.25 -4.17
CA VAL D 83 18.63 24.37 -5.31
C VAL D 83 19.76 23.35 -5.41
N GLU D 84 19.43 22.12 -5.75
CA GLU D 84 20.44 21.07 -5.92
C GLU D 84 20.13 20.17 -7.12
N ALA D 85 20.82 19.04 -7.22
CA ALA D 85 20.78 18.17 -8.40
C ALA D 85 19.36 17.73 -8.80
N GLU D 86 18.74 16.87 -7.99
CA GLU D 86 17.46 16.26 -8.36
C GLU D 86 16.29 17.26 -8.45
N ASP D 87 16.46 18.45 -7.88
CA ASP D 87 15.43 19.49 -7.92
C ASP D 87 15.15 20.01 -9.34
N LEU D 88 16.11 19.86 -10.25
CA LEU D 88 15.96 20.32 -11.63
C LEU D 88 14.85 19.55 -12.34
N GLY D 89 14.15 20.22 -13.26
CA GLY D 89 13.02 19.65 -13.97
C GLY D 89 12.01 20.71 -14.36
N VAL D 90 10.73 20.33 -14.40
CA VAL D 90 9.64 21.25 -14.71
C VAL D 90 8.65 21.31 -13.56
N TYR D 91 8.32 22.52 -13.11
CA TYR D 91 7.39 22.71 -12.00
C TYR D 91 6.03 23.20 -12.49
N PHE D 92 4.99 22.42 -12.19
CA PHE D 92 3.62 22.78 -12.55
C PHE D 92 2.81 23.15 -11.30
N CYS D 93 2.19 24.33 -11.32
CA CYS D 93 1.15 24.66 -10.37
C CYS D 93 -0.17 24.13 -10.93
N SER D 94 -1.06 23.65 -10.06
CA SER D 94 -2.35 23.12 -10.50
C SER D 94 -3.48 23.57 -9.57
N GLN D 95 -4.69 23.10 -9.85
CA GLN D 95 -5.90 23.58 -9.18
C GLN D 95 -6.94 22.48 -9.00
N SER D 96 -7.54 22.44 -7.81
CA SER D 96 -8.67 21.53 -7.55
C SER D 96 -9.88 22.24 -6.92
N THR D 97 -9.83 23.56 -6.81
CA THR D 97 -10.94 24.32 -6.22
C THR D 97 -12.18 24.23 -7.11
N HIS D 98 -11.99 24.42 -8.42
CA HIS D 98 -13.10 24.36 -9.36
C HIS D 98 -12.90 23.23 -10.36
N ASP D 99 -13.98 22.53 -10.69
CA ASP D 99 -13.96 21.46 -11.69
C ASP D 99 -14.22 22.07 -13.07
N PRO D 100 -13.44 21.66 -14.10
CA PRO D 100 -12.39 20.64 -14.10
C PRO D 100 -11.07 21.17 -13.57
N TRP D 101 -10.20 20.27 -13.12
CA TRP D 101 -8.87 20.66 -12.66
C TRP D 101 -8.05 21.14 -13.85
N THR D 102 -7.15 22.09 -13.60
CA THR D 102 -6.33 22.65 -14.67
C THR D 102 -4.89 22.90 -14.20
N PHE D 103 -3.95 22.77 -15.14
CA PHE D 103 -2.52 22.89 -14.84
C PHE D 103 -1.92 24.13 -15.50
N GLY D 104 -0.81 24.62 -14.96
CA GLY D 104 -0.07 25.72 -15.55
C GLY D 104 0.72 25.26 -16.77
N GLY D 105 1.38 26.19 -17.42
CA GLY D 105 2.20 25.89 -18.60
C GLY D 105 3.45 25.08 -18.26
N GLY D 106 3.95 25.30 -17.05
CA GLY D 106 5.17 24.64 -16.59
C GLY D 106 6.34 25.60 -16.63
N THR D 107 7.06 25.69 -15.52
CA THR D 107 8.27 26.50 -15.42
C THR D 107 9.47 25.55 -15.33
N LYS D 108 10.31 25.56 -16.36
CA LYS D 108 11.43 24.63 -16.45
C LYS D 108 12.68 25.17 -15.72
N LEU D 109 13.08 24.46 -14.67
CA LEU D 109 14.24 24.82 -13.88
C LEU D 109 15.51 24.22 -14.48
N GLU D 110 16.40 25.07 -14.97
CA GLU D 110 17.62 24.64 -15.65
C GLU D 110 18.86 25.26 -15.00
N ILE D 111 20.02 24.73 -15.37
CA ILE D 111 21.29 25.12 -14.76
C ILE D 111 21.89 26.38 -15.41
N LYS D 112 22.52 27.22 -14.58
CA LYS D 112 23.22 28.41 -15.04
C LYS D 112 24.68 28.06 -15.36
N ARG D 113 25.24 28.76 -16.35
CA ARG D 113 26.53 28.37 -16.92
C ARG D 113 27.07 29.53 -17.76
N ALA D 114 28.39 29.61 -17.85
CA ALA D 114 29.05 30.64 -18.66
C ALA D 114 28.59 30.61 -20.11
N ASP D 115 28.50 31.80 -20.73
CA ASP D 115 28.09 31.91 -22.13
C ASP D 115 29.05 31.13 -23.03
N ALA D 116 28.50 30.55 -24.09
CA ALA D 116 29.28 29.77 -25.04
C ALA D 116 28.73 29.96 -26.44
N ALA D 117 29.60 30.35 -27.37
CA ALA D 117 29.22 30.54 -28.76
C ALA D 117 28.99 29.19 -29.41
N PRO D 118 28.05 29.12 -30.37
CA PRO D 118 27.77 27.86 -31.04
C PRO D 118 28.86 27.41 -32.00
N THR D 119 29.25 26.13 -31.90
CA THR D 119 30.19 25.52 -32.82
C THR D 119 29.41 25.01 -34.03
N VAL D 120 29.37 25.83 -35.09
CA VAL D 120 28.49 25.59 -36.24
C VAL D 120 29.16 24.74 -37.32
N SER D 121 28.40 23.78 -37.88
CA SER D 121 28.88 22.90 -38.93
C SER D 121 27.79 22.69 -39.99
N ILE D 122 28.14 22.91 -41.26
CA ILE D 122 27.19 22.69 -42.37
C ILE D 122 27.60 21.47 -43.20
N PHE D 123 26.59 20.73 -43.67
CA PHE D 123 26.81 19.49 -44.43
C PHE D 123 25.96 19.46 -45.70
N PRO D 124 26.62 19.39 -46.88
CA PRO D 124 25.88 19.17 -48.13
C PRO D 124 25.19 17.80 -48.18
N PRO D 125 24.30 17.59 -49.16
CA PRO D 125 23.65 16.30 -49.32
C PRO D 125 24.65 15.17 -49.58
N SER D 126 24.41 14.01 -48.97
CA SER D 126 25.24 12.83 -49.21
C SER D 126 25.00 12.32 -50.61
N SER D 127 25.97 11.60 -51.17
CA SER D 127 25.84 11.07 -52.53
C SER D 127 24.84 9.92 -52.59
N GLU D 128 24.58 9.28 -51.46
CA GLU D 128 23.55 8.25 -51.36
C GLU D 128 22.15 8.88 -51.44
N GLN D 129 22.00 10.06 -50.84
CA GLN D 129 20.70 10.76 -50.88
C GLN D 129 20.43 11.34 -52.26
N LEU D 130 21.48 11.77 -52.95
CA LEU D 130 21.35 12.31 -54.31
C LEU D 130 20.91 11.25 -55.32
N THR D 131 21.30 10.00 -55.10
CA THR D 131 20.85 8.90 -55.95
C THR D 131 19.40 8.49 -55.68
N SER D 132 18.82 8.99 -54.59
CA SER D 132 17.38 8.79 -54.32
C SER D 132 16.54 10.01 -54.76
N GLY D 133 17.17 10.96 -55.44
CA GLY D 133 16.48 12.15 -55.92
C GLY D 133 16.10 13.12 -54.82
N GLY D 134 16.81 13.07 -53.71
CA GLY D 134 16.59 13.99 -52.59
C GLY D 134 17.87 14.73 -52.28
N ALA D 135 17.74 15.85 -51.57
CA ALA D 135 18.91 16.64 -51.21
C ALA D 135 18.60 17.53 -50.03
N SER D 136 18.99 17.10 -48.84
CA SER D 136 18.78 17.88 -47.63
C SER D 136 20.12 18.33 -47.05
N VAL D 137 20.21 19.63 -46.79
CA VAL D 137 21.42 20.25 -46.27
C VAL D 137 21.27 20.40 -44.76
N VAL D 138 22.11 19.66 -44.03
CA VAL D 138 22.06 19.66 -42.57
C VAL D 138 23.03 20.68 -41.99
N CYS D 139 22.60 21.38 -40.95
CA CYS D 139 23.43 22.38 -40.28
C CYS D 139 23.26 22.23 -38.78
N PHE D 140 24.36 21.90 -38.09
CA PHE D 140 24.34 21.71 -36.64
C PHE D 140 24.83 22.95 -35.91
N LEU D 141 24.03 23.46 -34.97
CA LEU D 141 24.43 24.54 -34.07
C LEU D 141 24.70 23.94 -32.70
N ASN D 142 25.97 23.63 -32.41
CA ASN D 142 26.31 22.80 -31.25
C ASN D 142 26.95 23.54 -30.08
N ASN D 143 26.59 23.11 -28.86
CA ASN D 143 27.26 23.50 -27.63
C ASN D 143 27.21 24.99 -27.30
N PHE D 144 26.01 25.56 -27.28
CA PHE D 144 25.84 26.98 -26.98
C PHE D 144 25.07 27.21 -25.67
N TYR D 145 25.25 28.39 -25.07
CA TYR D 145 24.50 28.84 -23.90
C TYR D 145 24.46 30.37 -23.90
N PRO D 146 23.28 30.97 -23.67
CA PRO D 146 21.99 30.40 -23.28
C PRO D 146 21.20 29.74 -24.42
N LYS D 147 20.09 29.11 -24.05
CA LYS D 147 19.28 28.26 -24.93
C LYS D 147 18.64 28.96 -26.13
N ASP D 148 18.44 30.28 -26.04
CA ASP D 148 17.77 31.02 -27.11
C ASP D 148 18.71 31.22 -28.31
N ILE D 149 18.22 30.86 -29.50
CA ILE D 149 19.03 30.90 -30.72
C ILE D 149 18.11 30.98 -31.96
N ASN D 150 18.62 31.52 -33.05
CA ASN D 150 17.86 31.64 -34.29
C ASN D 150 18.69 31.25 -35.52
N VAL D 151 18.11 30.45 -36.40
CA VAL D 151 18.75 30.03 -37.64
C VAL D 151 18.13 30.77 -38.83
N LYS D 152 18.93 30.98 -39.86
CA LYS D 152 18.46 31.57 -41.11
C LYS D 152 19.13 30.83 -42.26
N TRP D 153 18.33 30.36 -43.21
CA TRP D 153 18.86 29.66 -44.39
C TRP D 153 18.86 30.59 -45.60
N LYS D 154 19.91 30.51 -46.41
CA LYS D 154 20.03 31.33 -47.62
C LYS D 154 20.51 30.50 -48.81
N ILE D 155 19.84 30.68 -49.95
CA ILE D 155 20.24 30.05 -51.21
C ILE D 155 20.57 31.16 -52.21
N ASP D 156 21.84 31.26 -52.59
CA ASP D 156 22.34 32.36 -53.42
C ASP D 156 21.91 33.71 -52.82
N GLY D 157 22.16 33.87 -51.53
CA GLY D 157 21.86 35.13 -50.84
C GLY D 157 20.39 35.51 -50.74
N SER D 158 19.51 34.52 -50.85
CA SER D 158 18.07 34.76 -50.70
C SER D 158 17.53 33.90 -49.58
N GLU D 159 16.89 34.53 -48.60
CA GLU D 159 16.37 33.81 -47.45
C GLU D 159 15.40 32.74 -47.93
N ARG D 160 15.55 31.54 -47.38
CA ARG D 160 14.73 30.39 -47.72
C ARG D 160 14.07 29.89 -46.44
N GLN D 161 12.74 29.83 -46.44
CA GLN D 161 11.97 29.48 -45.25
C GLN D 161 11.29 28.11 -45.35
N ASN D 162 10.73 27.83 -46.52
CA ASN D 162 9.97 26.59 -46.73
C ASN D 162 10.89 25.38 -46.88
N GLY D 163 10.52 24.26 -46.25
CA GLY D 163 11.29 23.02 -46.30
C GLY D 163 12.34 22.86 -45.20
N VAL D 164 12.43 23.85 -44.31
CA VAL D 164 13.37 23.82 -43.17
C VAL D 164 12.72 23.09 -42.01
N LEU D 165 13.52 22.34 -41.27
CA LEU D 165 13.02 21.52 -40.16
C LEU D 165 14.04 21.53 -39.03
N ASN D 166 13.57 21.86 -37.81
CA ASN D 166 14.46 22.11 -36.68
C ASN D 166 14.16 21.23 -35.46
N SER D 167 15.23 20.75 -34.81
CA SER D 167 15.11 20.00 -33.56
C SER D 167 16.15 20.49 -32.55
N TRP D 168 15.72 20.63 -31.30
CA TRP D 168 16.56 21.13 -30.23
C TRP D 168 16.80 20.04 -29.19
N THR D 169 17.99 20.01 -28.60
CA THR D 169 18.29 19.10 -27.50
C THR D 169 17.97 19.77 -26.17
N ASP D 170 17.68 18.94 -25.16
CA ASP D 170 17.56 19.43 -23.80
C ASP D 170 18.96 19.72 -23.29
N GLN D 171 19.05 20.53 -22.22
CA GLN D 171 20.33 20.91 -21.64
C GLN D 171 21.20 19.68 -21.45
N ASP D 172 22.46 19.77 -21.90
CA ASP D 172 23.36 18.63 -21.90
C ASP D 172 23.65 18.17 -20.49
N SER D 173 23.65 16.85 -20.30
CA SER D 173 23.87 16.25 -18.98
C SER D 173 25.23 16.58 -18.39
N LYS D 174 26.26 16.69 -19.24
CA LYS D 174 27.64 16.88 -18.79
C LYS D 174 28.06 18.35 -18.67
N ASP D 175 28.05 19.08 -19.79
CA ASP D 175 28.57 20.46 -19.82
C ASP D 175 27.49 21.56 -19.78
N SER D 176 26.24 21.17 -19.57
CA SER D 176 25.10 22.09 -19.46
C SER D 176 24.91 23.07 -20.64
N THR D 177 25.29 22.65 -21.83
CA THR D 177 25.05 23.44 -23.05
C THR D 177 23.84 22.93 -23.80
N TYR D 178 23.37 23.73 -24.75
CA TYR D 178 22.27 23.36 -25.62
C TYR D 178 22.79 23.24 -27.05
N SER D 179 22.16 22.37 -27.84
CA SER D 179 22.48 22.21 -29.26
C SER D 179 21.19 22.22 -30.08
N MET D 180 21.34 22.48 -31.38
CA MET D 180 20.21 22.50 -32.30
C MET D 180 20.60 21.92 -33.66
N SER D 181 19.67 21.19 -34.28
CA SER D 181 19.82 20.70 -35.64
C SER D 181 18.84 21.43 -36.55
N SER D 182 19.30 21.79 -37.75
CA SER D 182 18.43 22.40 -38.76
C SER D 182 18.72 21.73 -40.09
N THR D 183 17.66 21.38 -40.82
CA THR D 183 17.79 20.62 -42.06
C THR D 183 16.90 21.20 -43.15
N LEU D 184 17.52 21.84 -44.13
CA LEU D 184 16.82 22.31 -45.33
C LEU D 184 16.71 21.13 -46.30
N THR D 185 15.48 20.71 -46.60
CA THR D 185 15.26 19.56 -47.47
C THR D 185 14.72 20.00 -48.83
N LEU D 186 15.42 19.57 -49.88
CA LEU D 186 15.08 19.94 -51.25
C LEU D 186 15.10 18.72 -52.16
N THR D 187 14.43 18.84 -53.30
CA THR D 187 14.52 17.83 -54.35
C THR D 187 15.83 18.04 -55.10
N LYS D 188 16.40 16.95 -55.63
CA LYS D 188 17.68 16.99 -56.32
C LYS D 188 17.69 18.05 -57.42
N ASP D 189 16.65 18.07 -58.25
CA ASP D 189 16.55 19.01 -59.37
C ASP D 189 16.53 20.46 -58.87
N GLU D 190 15.73 20.73 -57.84
CA GLU D 190 15.65 22.04 -57.20
C GLU D 190 17.00 22.43 -56.62
N TYR D 191 17.67 21.47 -55.98
CA TYR D 191 18.99 21.66 -55.40
C TYR D 191 20.03 22.05 -56.46
N GLU D 192 19.91 21.47 -57.65
CA GLU D 192 20.89 21.69 -58.72
C GLU D 192 20.71 22.99 -59.53
N ARG D 193 19.70 23.79 -59.18
CA ARG D 193 19.51 25.11 -59.79
C ARG D 193 20.33 26.22 -59.12
N HIS D 194 21.03 25.91 -58.03
CA HIS D 194 21.77 26.92 -57.26
C HIS D 194 23.13 26.41 -56.77
N ASN D 195 23.96 27.35 -56.33
CA ASN D 195 25.33 27.06 -55.91
C ASN D 195 25.55 27.31 -54.42
N SER D 196 25.29 28.53 -53.98
CA SER D 196 25.55 28.92 -52.60
C SER D 196 24.44 28.44 -51.67
N TYR D 197 24.81 27.63 -50.67
CA TYR D 197 23.92 27.22 -49.60
C TYR D 197 24.52 27.66 -48.28
N THR D 198 23.80 28.52 -47.56
CA THR D 198 24.33 29.22 -46.39
C THR D 198 23.45 29.01 -45.15
N CYS D 199 24.12 28.83 -44.01
CA CYS D 199 23.46 28.64 -42.72
C CYS D 199 23.98 29.69 -41.74
N GLU D 200 23.09 30.52 -41.21
CA GLU D 200 23.47 31.65 -40.35
C GLU D 200 22.84 31.58 -38.95
N ALA D 201 23.69 31.45 -37.93
CA ALA D 201 23.25 31.37 -36.54
C ALA D 201 23.32 32.73 -35.86
N THR D 202 22.30 33.08 -35.09
CA THR D 202 22.25 34.34 -34.36
C THR D 202 22.01 34.07 -32.87
N HIS D 203 22.97 34.49 -32.04
CA HIS D 203 23.01 34.15 -30.63
C HIS D 203 23.43 35.36 -29.80
N LYS D 204 23.17 35.34 -28.50
CA LYS D 204 23.48 36.47 -27.61
C LYS D 204 24.99 36.77 -27.49
N THR D 205 25.83 35.77 -27.79
CA THR D 205 27.28 35.91 -27.72
C THR D 205 27.84 36.96 -28.69
N SER D 206 27.19 37.13 -29.84
CA SER D 206 27.67 38.08 -30.87
C SER D 206 26.51 38.79 -31.59
N THR D 207 26.79 40.01 -32.05
CA THR D 207 25.82 40.80 -32.81
C THR D 207 25.75 40.32 -34.26
N SER D 208 26.91 40.13 -34.87
CA SER D 208 26.97 39.54 -36.22
C SER D 208 26.84 38.02 -36.11
N PRO D 209 26.15 37.40 -37.08
CA PRO D 209 25.84 35.96 -37.00
C PRO D 209 27.02 35.05 -37.33
N ILE D 210 26.97 33.81 -36.86
CA ILE D 210 27.95 32.79 -37.26
C ILE D 210 27.46 32.15 -38.56
N VAL D 211 28.23 32.35 -39.63
CA VAL D 211 27.81 32.03 -40.98
C VAL D 211 28.70 30.97 -41.62
N LYS D 212 28.14 29.79 -41.87
CA LYS D 212 28.81 28.74 -42.64
C LYS D 212 28.09 28.57 -43.97
N SER D 213 28.83 28.20 -45.01
CA SER D 213 28.24 27.98 -46.34
C SER D 213 29.15 27.15 -47.25
N PHE D 214 28.62 26.79 -48.42
CA PHE D 214 29.40 26.06 -49.42
C PHE D 214 28.84 26.25 -50.83
N ASN D 215 29.65 25.89 -51.82
CA ASN D 215 29.22 25.82 -53.22
C ASN D 215 29.27 24.36 -53.69
N ARG D 216 28.35 24.00 -54.59
CA ARG D 216 28.01 22.60 -54.82
C ARG D 216 29.18 21.61 -54.93
N ASN D 217 30.03 21.76 -55.96
CA ASN D 217 31.15 20.84 -56.15
C ASN D 217 32.46 21.38 -55.56
N GLU D 218 32.99 22.44 -56.16
CA GLU D 218 34.20 23.12 -55.68
C GLU D 218 35.27 22.16 -55.16
N ILE E 7 -23.06 -23.60 59.26
CA ILE E 7 -23.71 -23.76 57.91
C ILE E 7 -23.23 -22.72 56.89
N GLN E 8 -23.09 -21.47 57.34
CA GLN E 8 -22.50 -20.41 56.53
C GLN E 8 -21.01 -20.68 56.29
N THR E 9 -20.34 -21.20 57.31
CA THR E 9 -18.92 -21.55 57.23
C THR E 9 -18.67 -22.71 56.26
N THR E 10 -19.57 -23.69 56.23
CA THR E 10 -19.49 -24.76 55.26
C THR E 10 -19.53 -24.17 53.85
N VAL E 11 -20.54 -23.34 53.58
CA VAL E 11 -20.70 -22.65 52.29
C VAL E 11 -19.46 -21.83 51.92
N ASN E 12 -18.86 -21.18 52.93
CA ASN E 12 -17.67 -20.36 52.72
C ASN E 12 -16.41 -21.23 52.50
N THR E 13 -16.33 -22.37 53.17
CA THR E 13 -15.25 -23.32 52.91
C THR E 13 -15.37 -23.85 51.49
N LEU E 14 -16.57 -24.30 51.15
CA LEU E 14 -16.90 -24.75 49.79
C LEU E 14 -16.44 -23.74 48.75
N SER E 15 -16.75 -22.47 48.99
CA SER E 15 -16.39 -21.39 48.08
C SER E 15 -14.88 -21.26 47.91
N GLU E 16 -14.14 -21.51 48.97
CA GLU E 16 -12.67 -21.56 48.89
C GLU E 16 -12.21 -22.82 48.16
N ARG E 17 -12.87 -23.96 48.43
CA ARG E 17 -12.52 -25.23 47.78
C ARG E 17 -12.80 -25.21 46.28
N ILE E 18 -13.84 -24.48 45.86
CA ILE E 18 -14.11 -24.29 44.43
C ILE E 18 -13.04 -23.39 43.83
N SER E 19 -12.88 -22.22 44.42
CA SER E 19 -11.94 -21.21 43.92
C SER E 19 -10.52 -21.76 43.82
N SER E 20 -10.10 -22.53 44.82
CA SER E 20 -8.75 -23.07 44.86
C SER E 20 -8.57 -24.21 43.86
N LYS E 21 -9.60 -25.02 43.66
CA LYS E 21 -9.51 -26.11 42.69
C LYS E 21 -9.64 -25.62 41.24
N LEU E 22 -10.48 -24.61 41.01
CA LEU E 22 -10.53 -23.96 39.71
C LEU E 22 -9.17 -23.34 39.35
N GLU E 23 -8.46 -22.85 40.37
CA GLU E 23 -7.14 -22.24 40.19
C GLU E 23 -6.08 -23.26 39.82
N GLN E 24 -6.03 -24.37 40.55
CA GLN E 24 -4.97 -25.37 40.36
C GLN E 24 -5.24 -26.36 39.22
N GLU E 25 -6.50 -26.73 39.01
CA GLU E 25 -6.87 -27.73 38.00
C GLU E 25 -7.27 -27.11 36.65
N ALA E 26 -8.15 -26.10 36.68
CA ALA E 26 -8.63 -25.46 35.45
C ALA E 26 -7.86 -24.19 35.09
N ASN E 27 -6.80 -23.90 35.84
CA ASN E 27 -5.95 -22.73 35.61
C ASN E 27 -6.69 -21.39 35.72
N ALA E 28 -7.70 -21.33 36.57
CA ALA E 28 -8.48 -20.11 36.74
C ALA E 28 -7.74 -19.08 37.60
N SER E 29 -8.18 -17.83 37.51
CA SER E 29 -7.71 -16.77 38.38
C SER E 29 -8.74 -15.63 38.44
N ALA E 30 -8.63 -14.80 39.46
CA ALA E 30 -9.59 -13.72 39.69
C ALA E 30 -9.67 -12.71 38.54
N GLN E 31 -8.54 -12.51 37.84
CA GLN E 31 -8.45 -11.52 36.76
C GLN E 31 -8.31 -12.16 35.38
N THR E 32 -9.09 -13.21 35.13
CA THR E 32 -9.13 -13.87 33.82
C THR E 32 -10.42 -13.47 33.10
N LYS E 33 -10.31 -13.04 31.85
CA LYS E 33 -11.48 -12.58 31.09
C LYS E 33 -12.47 -13.72 30.83
N CYS E 34 -13.70 -13.53 31.28
CA CYS E 34 -14.71 -14.57 31.18
C CYS E 34 -15.40 -14.53 29.83
N ASP E 35 -15.51 -15.69 29.20
CA ASP E 35 -16.32 -15.83 27.99
C ASP E 35 -17.78 -15.56 28.36
N ILE E 36 -18.28 -16.33 29.32
CA ILE E 36 -19.64 -16.17 29.83
C ILE E 36 -19.61 -15.27 31.06
N GLU E 37 -20.47 -14.26 31.07
CA GLU E 37 -20.60 -13.33 32.20
C GLU E 37 -21.97 -13.46 32.83
N ILE E 38 -22.02 -13.44 34.17
CA ILE E 38 -23.30 -13.57 34.87
C ILE E 38 -24.04 -12.25 34.82
N GLY E 39 -25.26 -12.31 34.29
CA GLY E 39 -26.12 -11.12 34.21
C GLY E 39 -26.87 -10.92 35.50
N ASN E 40 -28.05 -11.53 35.59
CA ASN E 40 -28.92 -11.38 36.76
C ASN E 40 -28.91 -12.63 37.63
N PHE E 41 -28.64 -12.43 38.92
CA PHE E 41 -28.61 -13.52 39.89
C PHE E 41 -29.55 -13.17 41.05
N TYR E 42 -30.81 -13.59 40.92
CA TYR E 42 -31.82 -13.35 41.96
C TYR E 42 -32.54 -14.65 42.33
N ILE E 43 -33.38 -14.56 43.36
CA ILE E 43 -34.18 -15.68 43.85
C ILE E 43 -35.68 -15.34 43.78
N ARG E 44 -36.50 -16.34 43.53
CA ARG E 44 -37.95 -16.14 43.38
C ARG E 44 -38.60 -15.73 44.70
N GLN E 45 -38.27 -16.45 45.76
CA GLN E 45 -38.69 -16.09 47.11
C GLN E 45 -37.47 -16.08 48.05
N ASN E 46 -36.94 -14.87 48.30
CA ASN E 46 -35.76 -14.68 49.14
C ASN E 46 -36.16 -14.37 50.57
N HIS E 47 -35.67 -15.19 51.52
CA HIS E 47 -35.96 -14.99 52.94
C HIS E 47 -34.67 -14.74 53.72
N GLY E 48 -33.93 -13.71 53.31
CA GLY E 48 -32.73 -13.28 54.02
C GLY E 48 -31.46 -13.90 53.49
N CYS E 49 -31.21 -13.72 52.20
CA CYS E 49 -29.98 -14.16 51.56
C CYS E 49 -29.42 -13.04 50.69
N ASN E 50 -28.13 -12.75 50.88
CA ASN E 50 -27.44 -11.73 50.08
C ASN E 50 -26.66 -12.39 48.95
N LEU E 51 -26.92 -11.96 47.72
CA LEU E 51 -26.39 -12.61 46.52
C LEU E 51 -25.27 -11.80 45.87
N THR E 52 -24.08 -12.40 45.81
CA THR E 52 -22.94 -11.81 45.09
C THR E 52 -22.50 -12.75 43.98
N VAL E 53 -21.62 -12.25 43.10
CA VAL E 53 -21.07 -13.05 42.00
C VAL E 53 -19.56 -12.82 41.94
N LYS E 54 -18.81 -13.91 42.07
CA LYS E 54 -17.35 -13.86 42.06
C LYS E 54 -16.83 -14.49 40.78
N ASN E 55 -15.95 -13.78 40.07
CA ASN E 55 -15.42 -14.25 38.77
C ASN E 55 -14.07 -14.96 38.90
N MET E 56 -14.13 -16.28 38.87
CA MET E 56 -12.94 -17.15 38.86
C MET E 56 -12.95 -17.92 37.55
N CYS E 57 -12.64 -17.22 36.46
CA CYS E 57 -12.85 -17.75 35.11
C CYS E 57 -11.62 -18.42 34.48
N SER E 58 -11.89 -19.31 33.52
CA SER E 58 -10.85 -20.03 32.78
C SER E 58 -11.40 -20.50 31.43
N ALA E 59 -10.58 -21.24 30.67
CA ALA E 59 -10.94 -21.69 29.32
C ALA E 59 -11.49 -23.12 29.30
N ASP E 60 -10.82 -24.02 30.01
CA ASP E 60 -11.18 -25.45 29.99
C ASP E 60 -12.42 -25.75 30.84
N ALA E 61 -13.56 -25.91 30.16
CA ALA E 61 -14.82 -26.18 30.86
C ALA E 61 -14.88 -27.58 31.47
N ASP E 62 -14.25 -28.56 30.81
CA ASP E 62 -14.22 -29.93 31.32
C ASP E 62 -13.51 -29.99 32.67
N ALA E 63 -12.36 -29.34 32.75
CA ALA E 63 -11.58 -29.25 33.98
C ALA E 63 -12.32 -28.47 35.08
N GLN E 64 -13.07 -27.44 34.67
CA GLN E 64 -13.88 -26.67 35.61
C GLN E 64 -14.92 -27.54 36.30
N LEU E 65 -15.71 -28.24 35.48
CA LEU E 65 -16.76 -29.13 35.97
C LEU E 65 -16.22 -30.16 36.98
N ASP E 66 -15.13 -30.83 36.60
CA ASP E 66 -14.50 -31.80 37.50
C ASP E 66 -14.04 -31.15 38.80
N ALA E 67 -13.59 -29.90 38.71
CA ALA E 67 -13.17 -29.15 39.90
C ALA E 67 -14.34 -28.85 40.83
N VAL E 68 -15.47 -28.44 40.28
CA VAL E 68 -16.67 -28.15 41.07
C VAL E 68 -17.18 -29.41 41.80
N LEU E 69 -17.00 -30.57 41.17
CA LEU E 69 -17.37 -31.82 41.80
C LEU E 69 -16.41 -32.17 42.92
N SER E 70 -15.11 -32.21 42.60
CA SER E 70 -14.07 -32.56 43.56
C SER E 70 -14.11 -31.63 44.78
N ALA E 71 -14.48 -30.37 44.57
CA ALA E 71 -14.67 -29.41 45.64
C ALA E 71 -15.88 -29.77 46.50
N ALA E 72 -17.00 -30.03 45.85
CA ALA E 72 -18.26 -30.38 46.53
C ALA E 72 -18.16 -31.73 47.23
N THR E 73 -17.45 -32.67 46.61
CA THR E 73 -17.27 -34.00 47.17
C THR E 73 -16.49 -33.97 48.48
N GLU E 74 -15.36 -33.25 48.51
CA GLU E 74 -14.51 -33.22 49.71
C GLU E 74 -15.07 -32.29 50.80
N THR E 75 -15.88 -31.31 50.40
CA THR E 75 -16.61 -30.50 51.37
C THR E 75 -17.64 -31.37 52.07
N TYR E 76 -18.43 -32.10 51.30
CA TYR E 76 -19.43 -33.04 51.82
C TYR E 76 -18.80 -34.08 52.74
N SER E 77 -17.72 -34.70 52.30
CA SER E 77 -17.07 -35.78 53.07
C SER E 77 -16.34 -35.25 54.31
N GLY E 78 -16.05 -33.95 54.33
CA GLY E 78 -15.51 -33.29 55.51
C GLY E 78 -16.52 -33.17 56.65
N LEU E 79 -17.81 -33.23 56.30
CA LEU E 79 -18.89 -33.09 57.29
C LEU E 79 -19.00 -34.34 58.19
N THR E 80 -19.49 -34.13 59.41
CA THR E 80 -19.70 -35.22 60.35
C THR E 80 -20.93 -36.03 59.95
N PRO E 81 -20.96 -37.34 60.31
CA PRO E 81 -22.05 -38.22 59.89
C PRO E 81 -23.46 -37.75 60.28
N GLU E 82 -23.57 -37.03 61.39
CA GLU E 82 -24.86 -36.48 61.84
C GLU E 82 -25.32 -35.34 60.93
N GLN E 83 -24.38 -34.45 60.61
CA GLN E 83 -24.64 -33.33 59.68
C GLN E 83 -24.73 -33.84 58.23
N LYS E 84 -23.98 -34.89 57.93
CA LYS E 84 -23.94 -35.51 56.59
C LYS E 84 -25.24 -36.22 56.21
N ALA E 85 -26.00 -36.67 57.21
CA ALA E 85 -27.28 -37.35 56.98
C ALA E 85 -28.41 -36.39 56.55
N TYR E 86 -28.18 -35.09 56.67
CA TYR E 86 -29.15 -34.07 56.22
C TYR E 86 -29.21 -33.92 54.70
N VAL E 87 -28.17 -34.39 54.00
CA VAL E 87 -27.99 -34.08 52.58
C VAL E 87 -28.97 -34.80 51.65
N PRO E 88 -29.17 -36.12 51.81
CA PRO E 88 -30.12 -36.82 50.94
C PRO E 88 -31.51 -36.16 50.84
N ALA E 89 -31.99 -35.62 51.95
CA ALA E 89 -33.29 -34.96 52.00
C ALA E 89 -33.30 -33.69 51.13
N MET E 90 -32.29 -32.83 51.33
CA MET E 90 -32.20 -31.58 50.59
C MET E 90 -31.73 -31.77 49.14
N PHE E 91 -31.19 -32.97 48.85
CA PHE E 91 -30.87 -33.37 47.48
C PHE E 91 -32.16 -33.59 46.68
N THR E 92 -33.10 -34.32 47.29
CA THR E 92 -34.39 -34.61 46.67
C THR E 92 -35.25 -33.35 46.50
N ALA E 93 -35.15 -32.41 47.45
CA ALA E 93 -35.90 -31.16 47.37
C ALA E 93 -35.59 -30.39 46.09
N ALA E 94 -34.31 -30.31 45.75
CA ALA E 94 -33.85 -29.54 44.60
C ALA E 94 -33.92 -30.33 43.29
N LEU E 95 -33.35 -31.54 43.29
CA LEU E 95 -33.23 -32.34 42.07
C LEU E 95 -34.30 -33.41 41.90
N ASN E 96 -35.19 -33.53 42.90
CA ASN E 96 -36.22 -34.59 42.94
C ASN E 96 -35.76 -35.97 42.47
N ILE E 97 -34.64 -36.42 43.04
CA ILE E 97 -34.14 -37.78 42.86
C ILE E 97 -33.85 -38.36 44.25
N GLN E 98 -34.31 -39.58 44.51
CA GLN E 98 -34.06 -40.25 45.79
C GLN E 98 -32.62 -40.75 45.85
N THR E 99 -32.08 -40.82 47.06
CA THR E 99 -30.70 -41.23 47.28
C THR E 99 -30.46 -41.54 48.76
N SER E 100 -29.23 -41.90 49.11
CA SER E 100 -28.85 -42.22 50.49
C SER E 100 -27.39 -41.88 50.75
N VAL E 101 -27.09 -41.52 51.99
CA VAL E 101 -25.76 -41.04 52.40
C VAL E 101 -24.56 -41.53 51.59
N ASN E 102 -24.50 -42.82 51.29
CA ASN E 102 -23.37 -43.42 50.59
C ASN E 102 -23.36 -43.18 49.08
N THR E 103 -24.55 -43.12 48.48
CA THR E 103 -24.68 -42.96 47.03
C THR E 103 -24.87 -41.51 46.57
N VAL E 104 -24.88 -40.55 47.50
CA VAL E 104 -25.10 -39.14 47.16
C VAL E 104 -23.92 -38.57 46.37
N VAL E 105 -22.71 -38.90 46.78
CA VAL E 105 -21.50 -38.39 46.15
C VAL E 105 -21.45 -38.67 44.63
N ARG E 106 -22.01 -39.81 44.20
CA ARG E 106 -22.02 -40.18 42.79
C ARG E 106 -23.30 -39.77 42.05
N ASP E 107 -24.44 -39.89 42.73
CA ASP E 107 -25.71 -39.45 42.15
C ASP E 107 -25.62 -37.98 41.72
N PHE E 108 -24.91 -37.18 42.51
CA PHE E 108 -24.67 -35.77 42.17
C PHE E 108 -23.76 -35.64 40.94
N GLU E 109 -22.70 -36.45 40.88
CA GLU E 109 -21.78 -36.46 39.74
C GLU E 109 -22.50 -36.85 38.45
N ASN E 110 -23.33 -37.88 38.54
CA ASN E 110 -24.16 -38.32 37.41
C ASN E 110 -25.07 -37.22 36.93
N TYR E 111 -25.75 -36.56 37.87
CA TYR E 111 -26.65 -35.45 37.52
C TYR E 111 -25.92 -34.34 36.79
N VAL E 112 -24.74 -33.96 37.29
CA VAL E 112 -23.97 -32.86 36.73
C VAL E 112 -23.40 -33.25 35.37
N LYS E 113 -22.73 -34.39 35.32
CA LYS E 113 -22.09 -34.84 34.07
C LYS E 113 -23.08 -35.11 32.94
N GLN E 114 -24.31 -35.45 33.30
CA GLN E 114 -25.36 -35.65 32.32
C GLN E 114 -25.99 -34.32 31.92
N THR E 115 -26.42 -33.55 32.92
CA THR E 115 -27.17 -32.31 32.68
C THR E 115 -26.32 -31.23 32.03
N CYS E 116 -25.05 -31.14 32.42
CA CYS E 116 -24.16 -30.10 31.92
C CYS E 116 -23.42 -30.46 30.63
N ASN E 117 -23.63 -31.68 30.14
CA ASN E 117 -23.17 -32.08 28.82
C ASN E 117 -24.31 -32.19 27.81
N SER E 118 -25.49 -31.70 28.20
CA SER E 118 -26.62 -31.63 27.28
C SER E 118 -26.30 -30.70 26.12
N SER E 119 -26.84 -30.99 24.95
CA SER E 119 -26.63 -30.16 23.76
C SER E 119 -26.95 -28.70 24.04
N ALA E 120 -28.05 -28.46 24.73
CA ALA E 120 -28.49 -27.10 25.09
C ALA E 120 -27.40 -26.33 25.84
N VAL E 121 -26.80 -27.00 26.82
CA VAL E 121 -25.77 -26.37 27.66
C VAL E 121 -24.47 -26.11 26.89
N VAL E 122 -23.95 -27.15 26.23
CA VAL E 122 -22.63 -27.05 25.56
C VAL E 122 -22.67 -26.14 24.33
N ASP E 123 -23.82 -26.07 23.65
CA ASP E 123 -23.96 -25.21 22.47
C ASP E 123 -24.25 -23.75 22.79
N ASN E 124 -24.40 -23.43 24.07
CA ASN E 124 -24.80 -22.08 24.49
C ASN E 124 -23.68 -21.04 24.35
N LYS E 125 -23.76 -20.22 23.30
CA LYS E 125 -22.82 -19.12 23.09
C LYS E 125 -23.37 -17.79 23.62
N LEU E 126 -24.49 -17.84 24.34
CA LEU E 126 -25.06 -16.62 24.94
C LEU E 126 -24.10 -16.09 25.99
N LYS E 127 -23.59 -14.88 25.76
CA LYS E 127 -22.55 -14.31 26.61
C LYS E 127 -23.09 -14.00 28.00
N ILE E 128 -24.02 -13.07 28.09
CA ILE E 128 -24.59 -12.67 29.38
C ILE E 128 -25.70 -13.66 29.77
N GLN E 129 -25.45 -14.43 30.82
CA GLN E 129 -26.38 -15.46 31.28
C GLN E 129 -26.91 -15.12 32.67
N ASN E 130 -28.15 -15.55 32.93
CA ASN E 130 -28.80 -15.29 34.21
C ASN E 130 -28.82 -16.55 35.06
N VAL E 131 -28.93 -16.38 36.36
CA VAL E 131 -29.03 -17.50 37.29
C VAL E 131 -30.24 -17.29 38.20
N ILE E 132 -31.19 -18.23 38.13
CA ILE E 132 -32.46 -18.10 38.86
C ILE E 132 -32.68 -19.33 39.75
N ILE E 133 -32.49 -19.14 41.05
CA ILE E 133 -32.83 -20.16 42.05
C ILE E 133 -34.19 -19.77 42.64
N ASP E 134 -34.95 -20.74 43.13
CA ASP E 134 -36.33 -20.48 43.57
C ASP E 134 -36.47 -20.07 45.04
N GLU E 135 -35.71 -20.69 45.94
CA GLU E 135 -35.83 -20.39 47.37
C GLU E 135 -34.47 -20.36 48.09
N CYS E 136 -34.35 -19.44 49.05
CA CYS E 136 -33.21 -19.38 49.95
C CYS E 136 -33.67 -18.86 51.30
N TYR E 137 -33.43 -19.63 52.36
CA TYR E 137 -33.78 -19.24 53.72
C TYR E 137 -32.59 -18.57 54.42
N GLY E 138 -32.88 -17.73 55.40
CA GLY E 138 -31.84 -17.12 56.22
C GLY E 138 -32.42 -16.46 57.46
N ALA E 139 -31.63 -16.45 58.54
CA ALA E 139 -32.08 -15.87 59.82
C ALA E 139 -32.22 -14.35 59.68
N PRO E 140 -33.05 -13.73 60.55
CA PRO E 140 -33.22 -12.27 60.47
C PRO E 140 -31.94 -11.52 60.90
N GLY E 141 -31.39 -11.92 62.04
CA GLY E 141 -30.16 -11.33 62.56
C GLY E 141 -28.91 -11.72 61.80
N SER E 142 -28.96 -12.85 61.09
CA SER E 142 -27.82 -13.35 60.33
C SER E 142 -28.25 -13.79 58.92
N PRO E 143 -28.32 -12.85 57.97
CA PRO E 143 -28.61 -13.21 56.57
C PRO E 143 -27.53 -14.13 55.99
N THR E 144 -27.94 -15.03 55.10
CA THR E 144 -27.02 -15.99 54.49
C THR E 144 -26.33 -15.35 53.29
N ASN E 145 -25.03 -15.59 53.16
CA ASN E 145 -24.24 -15.06 52.05
C ASN E 145 -24.09 -16.08 50.92
N LEU E 146 -24.83 -15.87 49.84
CA LEU E 146 -24.76 -16.72 48.65
C LEU E 146 -23.86 -16.07 47.61
N GLU E 147 -23.03 -16.90 46.96
CA GLU E 147 -22.02 -16.42 46.04
C GLU E 147 -21.91 -17.35 44.83
N PHE E 148 -22.41 -16.91 43.69
CA PHE E 148 -22.26 -17.68 42.46
C PHE E 148 -20.85 -17.48 41.90
N ILE E 149 -20.03 -18.51 41.97
CA ILE E 149 -18.70 -18.47 41.37
C ILE E 149 -18.83 -18.64 39.86
N ASN E 150 -18.64 -17.56 39.12
CA ASN E 150 -18.66 -17.60 37.66
C ASN E 150 -17.43 -18.34 37.13
N THR E 151 -17.65 -19.43 36.40
CA THR E 151 -16.54 -20.23 35.84
C THR E 151 -16.09 -19.73 34.47
N GLY E 152 -16.95 -18.98 33.78
CA GLY E 152 -16.65 -18.42 32.47
C GLY E 152 -17.06 -19.32 31.30
N SER E 153 -18.01 -20.21 31.55
CA SER E 153 -18.48 -21.16 30.54
C SER E 153 -19.84 -21.74 30.96
N SER E 154 -20.69 -22.00 29.98
CA SER E 154 -22.02 -22.54 30.23
C SER E 154 -21.95 -23.89 30.97
N LYS E 155 -20.96 -24.69 30.61
CA LYS E 155 -20.80 -26.03 31.18
C LYS E 155 -20.37 -25.97 32.65
N GLY E 156 -19.44 -25.07 32.96
CA GLY E 156 -18.97 -24.89 34.33
C GLY E 156 -20.02 -24.23 35.23
N ASN E 157 -20.62 -23.16 34.72
CA ASN E 157 -21.72 -22.48 35.42
C ASN E 157 -22.91 -23.40 35.68
N CYS E 158 -23.14 -24.36 34.78
CA CYS E 158 -24.18 -25.37 34.97
C CYS E 158 -23.92 -26.17 36.25
N ALA E 159 -22.67 -26.61 36.41
CA ALA E 159 -22.28 -27.36 37.60
C ALA E 159 -22.39 -26.52 38.87
N ILE E 160 -22.10 -25.23 38.76
CA ILE E 160 -22.21 -24.31 39.90
C ILE E 160 -23.67 -24.15 40.29
N LYS E 161 -24.54 -24.00 39.29
CA LYS E 161 -25.96 -23.81 39.53
C LYS E 161 -26.61 -25.08 40.07
N ALA E 162 -26.12 -26.24 39.65
CA ALA E 162 -26.61 -27.51 40.18
C ALA E 162 -26.25 -27.66 41.66
N LEU E 163 -25.02 -27.26 41.99
CA LEU E 163 -24.55 -27.25 43.38
C LEU E 163 -25.26 -26.18 44.19
N MET E 164 -25.37 -24.98 43.61
CA MET E 164 -26.11 -23.85 44.20
C MET E 164 -27.47 -24.30 44.72
N GLN E 165 -28.16 -25.11 43.93
CA GLN E 165 -29.49 -25.60 44.30
C GLN E 165 -29.49 -26.51 45.54
N LEU E 166 -28.42 -27.25 45.76
CA LEU E 166 -28.26 -28.02 47.01
C LEU E 166 -27.95 -27.09 48.18
N THR E 167 -27.00 -26.20 47.97
CA THR E 167 -26.62 -25.22 48.98
C THR E 167 -27.87 -24.52 49.53
N THR E 168 -28.69 -23.98 48.63
CA THR E 168 -29.88 -23.22 49.03
C THR E 168 -30.93 -24.04 49.81
N LYS E 169 -30.99 -25.34 49.56
CA LYS E 169 -31.94 -26.21 50.26
C LYS E 169 -31.51 -26.52 51.70
N ALA E 170 -30.21 -26.44 51.96
CA ALA E 170 -29.67 -26.65 53.31
C ALA E 170 -30.18 -25.59 54.29
N THR E 171 -30.29 -24.36 53.80
CA THR E 171 -30.81 -23.25 54.60
C THR E 171 -32.27 -23.49 54.98
N THR E 172 -33.07 -23.92 54.00
CA THR E 172 -34.50 -24.19 54.21
C THR E 172 -34.74 -25.68 54.43
N SER F 6 -36.67 10.22 26.11
CA SER F 6 -35.39 10.83 25.64
C SER F 6 -35.20 10.57 24.14
N ILE F 7 -36.21 10.94 23.37
CA ILE F 7 -36.25 10.66 21.92
C ILE F 7 -35.47 11.71 21.14
N GLN F 8 -35.63 12.98 21.52
CA GLN F 8 -34.92 14.09 20.86
C GLN F 8 -33.40 13.99 21.05
N THR F 9 -32.98 13.50 22.22
CA THR F 9 -31.55 13.37 22.52
C THR F 9 -30.92 12.12 21.93
N THR F 10 -31.68 11.01 21.91
CA THR F 10 -31.15 9.73 21.41
C THR F 10 -30.99 9.69 19.88
N VAL F 11 -31.87 10.39 19.16
CA VAL F 11 -31.75 10.50 17.70
C VAL F 11 -30.54 11.37 17.31
N ASN F 12 -30.23 12.35 18.14
CA ASN F 12 -29.03 13.17 17.95
C ASN F 12 -27.75 12.38 18.24
N THR F 13 -27.83 11.40 19.14
CA THR F 13 -26.69 10.52 19.44
C THR F 13 -26.28 9.68 18.23
N LEU F 14 -27.27 9.26 17.43
CA LEU F 14 -27.00 8.58 16.16
C LEU F 14 -26.13 9.46 15.27
N SER F 15 -26.60 10.69 15.05
CA SER F 15 -25.88 11.64 14.22
C SER F 15 -24.45 11.92 14.68
N GLU F 16 -24.20 11.78 15.98
CA GLU F 16 -22.83 11.89 16.51
C GLU F 16 -22.02 10.67 16.09
N ARG F 17 -22.59 9.49 16.30
CA ARG F 17 -21.90 8.22 16.03
C ARG F 17 -21.75 7.90 14.54
N ILE F 18 -22.75 8.28 13.74
CA ILE F 18 -22.70 8.10 12.28
C ILE F 18 -21.53 8.90 11.70
N SER F 19 -21.42 10.17 12.08
CA SER F 19 -20.33 11.03 11.63
C SER F 19 -18.96 10.44 11.99
N SER F 20 -18.82 9.97 13.23
CA SER F 20 -17.54 9.43 13.70
C SER F 20 -17.24 8.03 13.12
N LYS F 21 -18.26 7.18 13.00
CA LYS F 21 -18.09 5.84 12.42
C LYS F 21 -17.70 5.91 10.95
N LEU F 22 -18.32 6.82 10.20
CA LEU F 22 -17.92 7.10 8.82
C LEU F 22 -16.50 7.67 8.77
N GLU F 23 -16.19 8.55 9.72
CA GLU F 23 -14.89 9.21 9.80
C GLU F 23 -13.77 8.25 10.22
N GLN F 24 -14.12 7.21 10.98
CA GLN F 24 -13.14 6.24 11.49
C GLN F 24 -13.06 4.98 10.63
N GLU F 25 -14.22 4.38 10.35
CA GLU F 25 -14.29 3.09 9.66
C GLU F 25 -14.34 3.20 8.13
N ALA F 26 -14.90 4.29 7.62
CA ALA F 26 -15.02 4.52 6.17
C ALA F 26 -14.12 5.67 5.67
N ASN F 27 -13.25 6.17 6.54
CA ASN F 27 -12.24 7.18 6.18
C ASN F 27 -12.84 8.48 5.63
N ALA F 28 -14.03 8.84 6.10
CA ALA F 28 -14.72 10.04 5.61
C ALA F 28 -14.26 11.28 6.37
N SER F 29 -14.63 12.45 5.85
CA SER F 29 -14.36 13.73 6.51
C SER F 29 -15.29 14.81 5.97
N ALA F 30 -15.38 15.91 6.70
CA ALA F 30 -16.32 17.00 6.38
C ALA F 30 -16.05 17.64 5.03
N GLN F 31 -14.77 17.77 4.67
CA GLN F 31 -14.36 18.50 3.48
C GLN F 31 -13.85 17.57 2.37
N THR F 32 -14.53 16.44 2.22
CA THR F 32 -14.23 15.49 1.14
C THR F 32 -15.26 15.67 0.02
N LYS F 33 -14.79 15.72 -1.23
CA LYS F 33 -15.67 15.83 -2.38
C LYS F 33 -16.65 14.67 -2.43
N CYS F 34 -17.91 14.99 -2.67
CA CYS F 34 -18.98 13.99 -2.70
C CYS F 34 -19.31 13.64 -4.13
N ASP F 35 -19.34 12.34 -4.42
CA ASP F 35 -19.83 11.87 -5.71
C ASP F 35 -21.30 12.26 -5.85
N ILE F 36 -22.09 11.94 -4.83
CA ILE F 36 -23.52 12.16 -4.86
C ILE F 36 -23.93 13.25 -3.86
N GLU F 37 -24.75 14.18 -4.36
CA GLU F 37 -25.24 15.31 -3.58
C GLU F 37 -26.74 15.14 -3.32
N ILE F 38 -27.27 15.90 -2.37
CA ILE F 38 -28.71 15.89 -2.08
C ILE F 38 -29.38 17.09 -2.75
N GLY F 39 -30.24 16.84 -3.72
CA GLY F 39 -30.94 17.90 -4.44
C GLY F 39 -32.08 18.48 -3.64
N ASN F 40 -33.13 17.69 -3.48
CA ASN F 40 -34.33 18.10 -2.77
C ASN F 40 -34.54 17.23 -1.54
N PHE F 41 -34.70 17.87 -0.38
CA PHE F 41 -34.93 17.17 0.88
C PHE F 41 -36.14 17.76 1.61
N TYR F 42 -37.20 16.96 1.76
CA TYR F 42 -38.40 17.40 2.48
C TYR F 42 -39.18 16.22 3.10
N ILE F 43 -40.16 16.55 3.94
CA ILE F 43 -41.04 15.57 4.56
C ILE F 43 -42.47 15.81 4.09
N ARG F 44 -43.15 14.74 3.65
CA ARG F 44 -44.51 14.84 3.08
C ARG F 44 -45.47 15.52 4.03
N GLN F 45 -45.55 14.97 5.25
CA GLN F 45 -46.37 15.55 6.31
C GLN F 45 -45.50 15.72 7.56
N ASN F 46 -45.06 16.96 7.78
CA ASN F 46 -44.15 17.33 8.86
C ASN F 46 -44.91 17.96 10.03
N HIS F 47 -44.62 17.49 11.23
CA HIS F 47 -45.31 17.98 12.43
C HIS F 47 -44.30 18.29 13.54
N GLY F 48 -43.46 19.30 13.29
CA GLY F 48 -42.52 19.81 14.28
C GLY F 48 -41.06 19.45 14.06
N CYS F 49 -40.73 18.93 12.87
CA CYS F 49 -39.37 18.50 12.57
C CYS F 49 -38.64 19.51 11.69
N ASN F 50 -37.33 19.66 11.92
CA ASN F 50 -36.46 20.48 11.07
C ASN F 50 -35.46 19.59 10.33
N LEU F 51 -35.11 20.02 9.12
CA LEU F 51 -34.29 19.21 8.21
C LEU F 51 -32.96 19.89 7.88
N THR F 52 -31.87 19.16 8.09
CA THR F 52 -30.54 19.61 7.70
C THR F 52 -29.88 18.52 6.86
N VAL F 53 -28.88 18.90 6.06
CA VAL F 53 -28.08 17.94 5.30
C VAL F 53 -26.61 18.17 5.58
N LYS F 54 -25.97 17.18 6.21
CA LYS F 54 -24.55 17.22 6.50
C LYS F 54 -23.81 16.29 5.56
N ASN F 55 -22.75 16.79 4.94
CA ASN F 55 -21.91 15.96 4.08
C ASN F 55 -20.76 15.36 4.88
N MET F 56 -20.78 14.04 5.04
CA MET F 56 -19.65 13.30 5.59
C MET F 56 -19.23 12.27 4.54
N CYS F 57 -18.49 12.75 3.53
CA CYS F 57 -18.29 12.00 2.30
C CYS F 57 -16.99 11.18 2.24
N SER F 58 -17.04 10.12 1.45
CA SER F 58 -15.96 9.14 1.34
C SER F 58 -16.08 8.41 0.00
N ALA F 59 -15.19 7.46 -0.26
CA ALA F 59 -15.17 6.73 -1.54
C ALA F 59 -15.69 5.29 -1.43
N ASP F 60 -15.34 4.61 -0.35
CA ASP F 60 -15.71 3.20 -0.19
C ASP F 60 -17.14 3.09 0.34
N ALA F 61 -18.04 2.61 -0.51
CA ALA F 61 -19.46 2.51 -0.16
C ALA F 61 -19.73 1.36 0.81
N ASP F 62 -19.14 0.20 0.53
CA ASP F 62 -19.27 -0.96 1.42
C ASP F 62 -18.82 -0.62 2.84
N ALA F 63 -17.81 0.23 2.97
CA ALA F 63 -17.36 0.69 4.28
C ALA F 63 -18.36 1.65 4.91
N GLN F 64 -18.94 2.54 4.10
CA GLN F 64 -19.96 3.47 4.57
C GLN F 64 -21.17 2.74 5.13
N LEU F 65 -21.65 1.74 4.39
CA LEU F 65 -22.81 0.97 4.80
C LEU F 65 -22.58 0.26 6.13
N ASP F 66 -21.42 -0.37 6.28
CA ASP F 66 -21.03 -1.03 7.53
C ASP F 66 -21.00 -0.04 8.69
N ALA F 67 -20.45 1.14 8.44
CA ALA F 67 -20.35 2.19 9.46
C ALA F 67 -21.72 2.67 9.92
N VAL F 68 -22.65 2.79 8.96
CA VAL F 68 -24.03 3.18 9.28
C VAL F 68 -24.68 2.15 10.18
N LEU F 69 -24.56 0.87 9.80
CA LEU F 69 -25.08 -0.24 10.60
C LEU F 69 -24.36 -0.35 11.94
N SER F 70 -23.04 -0.18 11.92
CA SER F 70 -22.22 -0.19 13.13
C SER F 70 -22.68 0.86 14.14
N ALA F 71 -23.04 2.04 13.65
CA ALA F 71 -23.49 3.14 14.50
C ALA F 71 -24.86 2.85 15.11
N ALA F 72 -25.79 2.36 14.29
CA ALA F 72 -27.13 1.99 14.76
C ALA F 72 -27.09 0.76 15.68
N THR F 73 -26.19 -0.17 15.40
CA THR F 73 -26.02 -1.37 16.22
C THR F 73 -25.69 -1.02 17.67
N GLU F 74 -24.67 -0.18 17.87
CA GLU F 74 -24.23 0.16 19.23
C GLU F 74 -25.02 1.31 19.86
N THR F 75 -25.91 1.95 19.09
CA THR F 75 -26.88 2.89 19.67
C THR F 75 -27.99 2.11 20.35
N TYR F 76 -28.39 1.01 19.72
CA TYR F 76 -29.38 0.08 20.26
C TYR F 76 -28.88 -0.56 21.56
N SER F 77 -27.57 -0.80 21.65
CA SER F 77 -26.95 -1.29 22.88
C SER F 77 -27.02 -0.26 24.01
N GLY F 78 -26.94 1.02 23.64
CA GLY F 78 -27.04 2.12 24.58
C GLY F 78 -28.43 2.34 25.15
N LEU F 79 -29.45 1.80 24.49
CA LEU F 79 -30.81 1.84 24.99
C LEU F 79 -30.98 0.89 26.17
N THR F 80 -31.95 1.20 27.03
CA THR F 80 -32.29 0.33 28.15
C THR F 80 -33.33 -0.69 27.68
N PRO F 81 -33.41 -1.85 28.37
CA PRO F 81 -34.40 -2.88 28.03
C PRO F 81 -35.83 -2.32 27.84
N GLU F 82 -36.17 -1.29 28.63
CA GLU F 82 -37.47 -0.62 28.52
C GLU F 82 -37.62 0.08 27.18
N GLN F 83 -36.57 0.74 26.74
CA GLN F 83 -36.55 1.44 25.45
C GLN F 83 -36.46 0.47 24.28
N LYS F 84 -35.56 -0.51 24.38
CA LYS F 84 -35.40 -1.53 23.34
C LYS F 84 -36.74 -2.19 23.00
N ALA F 85 -37.59 -2.36 24.01
CA ALA F 85 -38.91 -2.96 23.84
C ALA F 85 -39.78 -2.23 22.82
N TYR F 86 -39.59 -0.91 22.67
CA TYR F 86 -40.40 -0.11 21.74
C TYR F 86 -39.93 -0.21 20.28
N VAL F 87 -38.72 -0.72 20.06
CA VAL F 87 -38.11 -0.70 18.73
C VAL F 87 -38.79 -1.64 17.71
N PRO F 88 -39.04 -2.91 18.08
CA PRO F 88 -39.70 -3.84 17.15
C PRO F 88 -41.03 -3.35 16.55
N ALA F 89 -41.78 -2.56 17.31
CA ALA F 89 -43.04 -2.00 16.82
C ALA F 89 -42.80 -1.05 15.67
N MET F 90 -42.00 -0.01 15.93
CA MET F 90 -41.68 1.00 14.92
C MET F 90 -40.82 0.45 13.78
N PHE F 91 -40.07 -0.62 14.06
CA PHE F 91 -39.32 -1.35 13.05
C PHE F 91 -40.27 -1.88 11.98
N THR F 92 -41.32 -2.56 12.42
CA THR F 92 -42.30 -3.15 11.53
C THR F 92 -43.24 -2.10 10.91
N ALA F 93 -43.50 -1.01 11.64
CA ALA F 93 -44.41 0.04 11.17
C ALA F 93 -43.92 0.73 9.89
N ALA F 94 -42.61 0.75 9.65
CA ALA F 94 -42.02 1.36 8.46
C ALA F 94 -41.57 0.32 7.42
N LEU F 95 -40.90 -0.73 7.88
CA LEU F 95 -40.31 -1.73 6.98
C LEU F 95 -41.12 -3.03 6.86
N ASN F 96 -42.31 -3.05 7.47
CA ASN F 96 -43.18 -4.25 7.53
C ASN F 96 -42.43 -5.60 7.58
N ILE F 97 -41.51 -5.70 8.53
CA ILE F 97 -40.80 -6.94 8.81
C ILE F 97 -40.92 -7.28 10.30
N GLN F 98 -41.23 -8.54 10.59
CA GLN F 98 -41.44 -9.01 11.95
C GLN F 98 -40.09 -9.23 12.62
N THR F 99 -39.98 -8.86 13.90
CA THR F 99 -38.74 -9.03 14.64
C THR F 99 -38.95 -9.00 16.16
N SER F 100 -38.15 -9.76 16.88
CA SER F 100 -38.13 -9.72 18.35
C SER F 100 -37.07 -8.71 18.80
N VAL F 101 -37.02 -8.46 20.11
CA VAL F 101 -36.01 -7.55 20.67
C VAL F 101 -34.58 -8.09 20.51
N ASN F 102 -34.43 -9.40 20.32
CA ASN F 102 -33.12 -10.04 20.21
C ASN F 102 -32.62 -10.16 18.77
N THR F 103 -33.52 -10.02 17.79
CA THR F 103 -33.17 -10.20 16.38
C THR F 103 -33.14 -8.90 15.57
N VAL F 104 -33.51 -7.77 16.17
CA VAL F 104 -33.60 -6.49 15.43
C VAL F 104 -32.27 -6.13 14.77
N VAL F 105 -31.20 -6.15 15.55
CA VAL F 105 -29.88 -5.77 15.05
C VAL F 105 -29.51 -6.60 13.84
N ARG F 106 -29.72 -7.91 13.94
CA ARG F 106 -29.41 -8.82 12.84
C ARG F 106 -30.40 -8.63 11.68
N ASP F 107 -31.68 -8.53 12.00
CA ASP F 107 -32.73 -8.33 10.99
C ASP F 107 -32.57 -7.00 10.24
N PHE F 108 -32.08 -5.97 10.93
CA PHE F 108 -31.84 -4.67 10.31
C PHE F 108 -30.65 -4.76 9.35
N GLU F 109 -29.55 -5.33 9.81
CA GLU F 109 -28.37 -5.53 8.96
C GLU F 109 -28.75 -6.22 7.64
N ASN F 110 -29.61 -7.23 7.72
CA ASN F 110 -30.05 -7.96 6.53
C ASN F 110 -30.85 -7.08 5.57
N TYR F 111 -31.79 -6.30 6.09
CA TYR F 111 -32.61 -5.42 5.24
C TYR F 111 -31.75 -4.38 4.52
N VAL F 112 -30.86 -3.74 5.27
CA VAL F 112 -30.02 -2.68 4.72
C VAL F 112 -29.02 -3.23 3.71
N LYS F 113 -28.38 -4.36 4.04
CA LYS F 113 -27.40 -4.97 3.14
C LYS F 113 -28.03 -5.55 1.87
N GLN F 114 -29.26 -6.05 1.98
CA GLN F 114 -29.97 -6.61 0.82
C GLN F 114 -30.58 -5.51 -0.04
N THR F 115 -31.29 -4.59 0.59
CA THR F 115 -31.96 -3.50 -0.12
C THR F 115 -30.98 -2.57 -0.82
N CYS F 116 -29.85 -2.28 -0.17
CA CYS F 116 -28.87 -1.34 -0.71
C CYS F 116 -27.86 -1.97 -1.67
N ASN F 117 -27.88 -3.29 -1.80
CA ASN F 117 -27.11 -3.97 -2.84
C ASN F 117 -27.97 -4.48 -4.00
N SER F 118 -29.19 -3.96 -4.11
CA SER F 118 -30.02 -4.23 -5.29
C SER F 118 -29.43 -3.48 -6.49
N SER F 119 -29.64 -4.02 -7.69
CA SER F 119 -29.09 -3.42 -8.90
C SER F 119 -29.58 -1.98 -9.06
N ALA F 120 -30.87 -1.77 -8.81
CA ALA F 120 -31.46 -0.43 -8.85
C ALA F 120 -30.64 0.58 -8.07
N VAL F 121 -30.11 0.18 -6.92
CA VAL F 121 -29.34 1.07 -6.05
C VAL F 121 -27.87 1.18 -6.47
N VAL F 122 -27.21 0.05 -6.72
CA VAL F 122 -25.78 0.06 -7.06
C VAL F 122 -25.50 0.58 -8.47
N ASP F 123 -26.46 0.39 -9.37
CA ASP F 123 -26.34 0.95 -10.74
C ASP F 123 -26.79 2.41 -10.81
N ASN F 124 -27.33 2.94 -9.72
CA ASN F 124 -27.75 4.34 -9.68
C ASN F 124 -26.55 5.28 -9.60
N LYS F 125 -26.21 5.90 -10.73
CA LYS F 125 -25.10 6.84 -10.82
C LYS F 125 -25.60 8.29 -11.05
N LEU F 126 -26.83 8.56 -10.63
CA LEU F 126 -27.39 9.90 -10.66
C LEU F 126 -26.74 10.73 -9.55
N LYS F 127 -26.16 11.87 -9.92
CA LYS F 127 -25.40 12.69 -8.98
C LYS F 127 -26.31 13.34 -7.95
N ILE F 128 -27.23 14.16 -8.44
CA ILE F 128 -28.16 14.88 -7.57
C ILE F 128 -29.31 13.94 -7.21
N GLN F 129 -29.32 13.44 -5.98
CA GLN F 129 -30.35 12.51 -5.53
C GLN F 129 -31.28 13.16 -4.52
N ASN F 130 -32.57 12.85 -4.62
CA ASN F 130 -33.59 13.44 -3.76
C ASN F 130 -33.95 12.54 -2.58
N VAL F 131 -34.52 13.16 -1.54
CA VAL F 131 -34.93 12.46 -0.32
C VAL F 131 -36.33 12.89 0.08
N ILE F 132 -37.20 11.92 0.37
CA ILE F 132 -38.55 12.19 0.85
C ILE F 132 -38.85 11.28 2.03
N ILE F 133 -39.33 11.86 3.14
CA ILE F 133 -39.78 11.08 4.30
C ILE F 133 -41.27 11.32 4.55
N ASP F 134 -41.99 10.25 4.86
CA ASP F 134 -43.46 10.31 5.00
C ASP F 134 -43.90 11.14 6.20
N GLU F 135 -43.65 10.61 7.41
CA GLU F 135 -44.10 11.25 8.64
C GLU F 135 -42.93 11.59 9.56
N CYS F 136 -43.07 12.69 10.30
CA CYS F 136 -42.12 13.07 11.34
C CYS F 136 -42.81 14.00 12.32
N TYR F 137 -42.64 13.72 13.62
CA TYR F 137 -43.29 14.49 14.68
C TYR F 137 -42.28 15.05 15.67
N GLY F 138 -42.74 15.97 16.53
CA GLY F 138 -41.89 16.57 17.55
C GLY F 138 -42.66 17.28 18.63
N ALA F 139 -41.98 17.61 19.72
CA ALA F 139 -42.57 18.37 20.83
C ALA F 139 -42.87 19.80 20.38
N PRO F 140 -43.85 20.45 21.02
CA PRO F 140 -44.25 21.81 20.61
C PRO F 140 -43.18 22.88 20.92
N GLY F 141 -42.48 22.71 22.04
CA GLY F 141 -41.40 23.61 22.42
C GLY F 141 -40.15 23.36 21.60
N SER F 142 -39.48 22.23 21.85
CA SER F 142 -38.28 21.84 21.11
C SER F 142 -38.66 21.04 19.87
N PRO F 143 -38.35 21.57 18.67
CA PRO F 143 -38.65 20.82 17.46
C PRO F 143 -37.68 19.66 17.26
N THR F 144 -38.10 18.64 16.51
CA THR F 144 -37.25 17.49 16.25
C THR F 144 -36.22 17.81 15.16
N ASN F 145 -34.94 17.79 15.53
CA ASN F 145 -33.87 18.03 14.57
C ASN F 145 -33.47 16.75 13.85
N LEU F 146 -33.87 16.63 12.59
CA LEU F 146 -33.39 15.56 11.72
C LEU F 146 -32.14 16.02 10.99
N GLU F 147 -31.27 15.06 10.66
CA GLU F 147 -30.05 15.35 9.93
C GLU F 147 -29.71 14.20 8.99
N PHE F 148 -29.96 14.40 7.70
CA PHE F 148 -29.54 13.45 6.69
C PHE F 148 -28.03 13.62 6.54
N ILE F 149 -27.29 12.57 6.89
CA ILE F 149 -25.85 12.56 6.70
C ILE F 149 -25.55 11.95 5.33
N ASN F 150 -25.10 12.78 4.40
CA ASN F 150 -24.78 12.34 3.06
C ASN F 150 -23.44 11.61 3.04
N THR F 151 -23.48 10.31 2.73
CA THR F 151 -22.29 9.47 2.72
C THR F 151 -21.45 9.67 1.46
N GLY F 152 -22.09 10.14 0.39
CA GLY F 152 -21.42 10.36 -0.89
C GLY F 152 -21.80 9.37 -1.97
N SER F 153 -22.28 8.19 -1.57
CA SER F 153 -22.64 7.13 -2.51
C SER F 153 -24.15 6.86 -2.53
N SER F 154 -24.61 6.15 -3.55
CA SER F 154 -25.99 5.68 -3.61
C SER F 154 -26.23 4.59 -2.56
N LYS F 155 -25.26 3.70 -2.40
CA LYS F 155 -25.38 2.56 -1.49
C LYS F 155 -25.35 2.99 -0.03
N GLY F 156 -24.50 3.98 0.29
CA GLY F 156 -24.46 4.54 1.63
C GLY F 156 -25.72 5.32 1.95
N ASN F 157 -26.14 6.19 1.04
CA ASN F 157 -27.37 6.98 1.22
C ASN F 157 -28.61 6.11 1.38
N CYS F 158 -28.62 4.94 0.74
CA CYS F 158 -29.69 3.96 0.94
C CYS F 158 -29.77 3.51 2.39
N ALA F 159 -28.61 3.22 2.99
CA ALA F 159 -28.54 2.80 4.39
C ALA F 159 -28.98 3.91 5.34
N ILE F 160 -28.63 5.16 4.99
CA ILE F 160 -29.05 6.32 5.76
C ILE F 160 -30.57 6.48 5.68
N LYS F 161 -31.12 6.37 4.46
CA LYS F 161 -32.56 6.43 4.26
C LYS F 161 -33.29 5.41 5.15
N ALA F 162 -32.69 4.24 5.32
CA ALA F 162 -33.29 3.19 6.14
C ALA F 162 -33.36 3.58 7.62
N LEU F 163 -32.29 4.19 8.13
CA LEU F 163 -32.29 4.71 9.50
C LEU F 163 -33.31 5.83 9.66
N MET F 164 -33.27 6.79 8.74
CA MET F 164 -34.22 7.90 8.73
C MET F 164 -35.66 7.40 8.88
N GLN F 165 -36.01 6.35 8.15
CA GLN F 165 -37.35 5.75 8.23
C GLN F 165 -37.69 5.18 9.61
N LEU F 166 -36.70 4.61 10.30
CA LEU F 166 -36.91 4.08 11.65
C LEU F 166 -37.02 5.19 12.67
N THR F 167 -36.13 6.17 12.60
CA THR F 167 -36.11 7.27 13.55
C THR F 167 -37.36 8.14 13.44
N THR F 168 -37.87 8.32 12.22
CA THR F 168 -39.09 9.09 12.00
C THR F 168 -40.37 8.38 12.47
N LYS F 169 -40.29 7.07 12.69
CA LYS F 169 -41.36 6.33 13.36
C LYS F 169 -41.23 6.46 14.88
N ALA F 170 -40.00 6.66 15.37
CA ALA F 170 -39.76 6.84 16.80
C ALA F 170 -40.39 8.11 17.35
N THR F 171 -40.57 9.11 16.49
CA THR F 171 -41.21 10.37 16.87
C THR F 171 -42.73 10.24 17.07
N THR F 172 -43.33 9.19 16.52
CA THR F 172 -44.75 8.91 16.73
C THR F 172 -45.03 8.42 18.16
N GLN F 173 -43.97 8.02 18.88
CA GLN F 173 -44.08 7.59 20.28
C GLN F 173 -43.46 8.63 21.22
#